data_8GKZ
#
_entry.id   8GKZ
#
_cell.length_a   158.250
_cell.length_b   158.250
_cell.length_c   207.990
_cell.angle_alpha   90.00
_cell.angle_beta   90.00
_cell.angle_gamma   120.00
#
_symmetry.space_group_name_H-M   'P 65 2 2'
#
loop_
_entity.id
_entity.type
_entity.pdbx_description
1 polymer 'Serine hydroxymethyltransferase, mitochondrial'
2 non-polymer GLYCINE
3 non-polymer "PYRIDOXAL-5'-PHOSPHATE"
4 non-polymer 'N-{4-[4-(2-amino-4-oxo-3,4-dihydro-5H-pyrrolo[3,2-d]pyrimidin-5-yl)butyl]-3-fluorothiophene-2-carbonyl}-L-glutamic acid'
5 water water
#
_entity_poly.entity_id   1
_entity_poly.type   'polypeptide(L)'
_entity_poly.pdbx_seq_one_letter_code
;MGSSHHHHHHSSGLVPRSNAAQTQTGEANRGWTGQESLSDSDPEMWELLQREKDRQCRGLELIASENFCSRAALEALGSC
LNNKYSEGYPGKRFYGGAEVVDEIELLCQRRALEAFDLDPAQWGVNVQPYSGSPANLAVYTALLQPHDRIMGLDLPDGGH
LTHGYMSDVKRISATSIFFESMPYKLNPKTGLIDYNQLALTARLFRPRLIIAGTSAYARLIDYARMREVCDEVKAHLLAD
MAHISGLVAAKVIPSPFKHADIVTTTTHKTLRGARSGLIFYRKGVKAVDPKTGREIPYTFEDRINFAVFPSLQGGPHNHA
IAAVAVALKQACTPMFREYSLQVLKNARAMADALLERGYSLVSGGTDNHLVLVDLRPKGLDGARAERVLELVSITANKNT
CPGDRSAITPGGLRLGAPALTSRQFREDDFRRVVDFIDEGVNIGLEVKSKTAKLQDFKSFLLKDSETSQRLANLRQRVEQ
FARAFPMPGFDEH
;
_entity_poly.pdbx_strand_id   A,B
#
# COMPACT_ATOMS: atom_id res chain seq x y z
N TRP A 32 16.92 -7.43 -23.84
CA TRP A 32 15.92 -6.88 -22.93
C TRP A 32 16.43 -5.60 -22.26
N THR A 33 15.77 -4.48 -22.59
CA THR A 33 16.15 -3.19 -22.03
C THR A 33 15.26 -2.74 -20.87
N GLY A 34 14.09 -3.34 -20.71
CA GLY A 34 13.12 -2.81 -19.77
C GLY A 34 12.41 -1.56 -20.23
N GLN A 35 12.58 -1.18 -21.51
CA GLN A 35 11.94 -0.01 -22.07
C GLN A 35 10.90 -0.36 -23.13
N GLU A 36 10.60 -1.64 -23.30
CA GLU A 36 9.57 -2.07 -24.23
C GLU A 36 8.19 -1.65 -23.74
N SER A 37 7.33 -1.27 -24.68
CA SER A 37 5.97 -0.84 -24.34
C SER A 37 5.16 -2.01 -23.80
N LEU A 38 4.21 -1.70 -22.92
CA LEU A 38 3.31 -2.73 -22.43
C LEU A 38 2.46 -3.30 -23.55
N SER A 39 2.10 -2.47 -24.53
CA SER A 39 1.39 -2.95 -25.71
C SER A 39 2.13 -4.11 -26.37
N ASP A 40 3.44 -3.97 -26.54
CA ASP A 40 4.24 -4.98 -27.23
C ASP A 40 4.72 -6.09 -26.29
N SER A 41 5.08 -5.76 -25.05
CA SER A 41 5.71 -6.74 -24.18
C SER A 41 4.71 -7.76 -23.66
N ASP A 42 3.55 -7.30 -23.18
CA ASP A 42 2.54 -8.15 -22.56
C ASP A 42 1.19 -7.82 -23.17
N PRO A 43 0.86 -8.40 -24.33
CA PRO A 43 -0.42 -8.08 -24.97
C PRO A 43 -1.62 -8.58 -24.18
N GLU A 44 -1.48 -9.68 -23.42
CA GLU A 44 -2.61 -10.18 -22.63
C GLU A 44 -3.03 -9.19 -21.57
N MET A 45 -2.08 -8.59 -20.87
CA MET A 45 -2.40 -7.58 -19.87
C MET A 45 -2.87 -6.29 -20.52
N TRP A 46 -2.34 -5.95 -21.69
CA TRP A 46 -2.74 -4.73 -22.36
C TRP A 46 -4.20 -4.78 -22.79
N GLU A 47 -4.66 -5.95 -23.25
CA GLU A 47 -6.07 -6.09 -23.61
C GLU A 47 -6.98 -6.04 -22.40
N LEU A 48 -6.45 -6.32 -21.21
CA LEU A 48 -7.25 -6.20 -19.99
C LEU A 48 -7.28 -4.76 -19.48
N LEU A 49 -6.18 -4.01 -19.66
CA LEU A 49 -6.22 -2.58 -19.37
C LEU A 49 -7.27 -1.89 -20.21
N GLN A 50 -7.37 -2.27 -21.49
CA GLN A 50 -8.27 -1.57 -22.40
C GLN A 50 -9.72 -1.96 -22.19
N ARG A 51 -9.96 -3.22 -21.80
CA ARG A 51 -11.32 -3.63 -21.49
C ARG A 51 -11.83 -2.93 -20.23
N GLU A 52 -10.93 -2.62 -19.30
CA GLU A 52 -11.33 -1.87 -18.11
C GLU A 52 -11.50 -0.39 -18.43
N LYS A 53 -10.58 0.19 -19.21
CA LYS A 53 -10.73 1.57 -19.63
C LYS A 53 -12.05 1.78 -20.37
N ASP A 54 -12.43 0.82 -21.22
CA ASP A 54 -13.71 0.92 -21.90
C ASP A 54 -14.87 0.82 -20.92
N ARG A 55 -14.76 -0.07 -19.93
CA ARG A 55 -15.83 -0.23 -18.96
C ARG A 55 -16.05 1.05 -18.16
N GLN A 56 -14.96 1.73 -17.77
CA GLN A 56 -15.10 2.99 -17.06
C GLN A 56 -15.65 4.08 -17.98
N CYS A 57 -15.23 4.09 -19.25
CA CYS A 57 -15.70 5.12 -20.17
C CYS A 57 -17.18 4.95 -20.48
N ARG A 58 -17.66 3.71 -20.56
CA ARG A 58 -19.03 3.45 -20.98
C ARG A 58 -20.02 3.31 -19.82
N GLY A 59 -19.53 3.09 -18.60
CA GLY A 59 -20.42 2.93 -17.47
C GLY A 59 -20.81 4.26 -16.83
N LEU A 60 -21.94 4.22 -16.13
CA LEU A 60 -22.34 5.31 -15.25
C LEU A 60 -21.86 4.95 -13.85
N GLU A 61 -20.72 5.52 -13.45
CA GLU A 61 -20.06 5.15 -12.21
C GLU A 61 -20.68 5.94 -11.04
N LEU A 62 -21.44 5.25 -10.19
CA LEU A 62 -22.13 5.89 -9.09
C LEU A 62 -21.63 5.44 -7.72
N ILE A 63 -20.52 4.70 -7.65
CA ILE A 63 -19.98 4.29 -6.37
C ILE A 63 -19.36 5.50 -5.68
N ALA A 64 -19.93 5.88 -4.52
CA ALA A 64 -19.60 7.15 -3.89
C ALA A 64 -18.11 7.29 -3.58
N SER A 65 -17.38 6.18 -3.52
CA SER A 65 -15.95 6.23 -3.22
C SER A 65 -15.07 6.22 -4.47
N GLU A 66 -15.66 6.06 -5.65
CA GLU A 66 -14.89 6.00 -6.89
C GLU A 66 -14.69 7.38 -7.48
N ASN A 67 -13.48 7.65 -7.94
CA ASN A 67 -13.18 8.83 -8.72
C ASN A 67 -12.25 8.44 -9.86
N PHE A 68 -12.18 9.29 -10.87
CA PHE A 68 -11.30 9.07 -12.02
C PHE A 68 -10.08 9.96 -11.87
N CYS A 69 -8.93 9.33 -11.66
CA CYS A 69 -7.69 10.05 -11.40
C CYS A 69 -7.20 10.75 -12.67
N SER A 70 -6.56 11.90 -12.46
CA SER A 70 -6.07 12.71 -13.57
C SER A 70 -4.82 12.10 -14.19
N ARG A 71 -4.58 12.46 -15.45
CA ARG A 71 -3.44 11.90 -16.16
C ARG A 71 -2.12 12.37 -15.54
N ALA A 72 -2.07 13.62 -15.08
CA ALA A 72 -0.83 14.13 -14.47
C ALA A 72 -0.44 13.29 -13.26
N ALA A 73 -1.41 12.93 -12.41
CA ALA A 73 -1.09 12.11 -11.26
C ALA A 73 -0.69 10.70 -11.66
N LEU A 74 -1.39 10.13 -12.65
CA LEU A 74 -1.06 8.79 -13.10
C LEU A 74 0.36 8.72 -13.67
N GLU A 75 0.81 9.76 -14.36
CA GLU A 75 2.19 9.82 -14.82
C GLU A 75 3.16 9.63 -13.66
N ALA A 76 2.95 10.39 -12.57
CA ALA A 76 3.80 10.27 -11.40
C ALA A 76 3.61 8.93 -10.70
N LEU A 77 2.40 8.37 -10.75
CA LEU A 77 2.14 7.10 -10.10
C LEU A 77 2.91 5.96 -10.76
N GLY A 78 2.97 5.95 -12.09
CA GLY A 78 3.70 4.93 -12.80
C GLY A 78 5.06 5.42 -13.26
N SER A 79 5.80 6.05 -12.37
CA SER A 79 7.08 6.65 -12.70
C SER A 79 8.23 5.85 -12.10
N CYS A 80 9.44 6.37 -12.25
CA CYS A 80 10.64 5.72 -11.74
C CYS A 80 10.76 5.80 -10.23
N LEU A 81 9.91 6.61 -9.57
CA LEU A 81 9.97 6.72 -8.11
C LEU A 81 9.63 5.41 -7.43
N ASN A 82 8.98 4.48 -8.14
CA ASN A 82 8.82 3.12 -7.63
C ASN A 82 10.15 2.46 -7.31
N ASN A 83 11.24 2.92 -7.91
CA ASN A 83 12.54 2.27 -7.79
C ASN A 83 13.35 2.72 -6.58
N LYS A 84 12.83 3.62 -5.74
CA LYS A 84 13.60 4.21 -4.65
C LYS A 84 13.09 3.71 -3.31
N TYR A 85 14.00 3.12 -2.53
CA TYR A 85 13.74 2.80 -1.13
C TYR A 85 14.14 4.00 -0.28
N SER A 86 13.18 4.56 0.45
CA SER A 86 13.42 5.70 1.31
C SER A 86 12.81 5.47 2.69
N GLU A 87 13.11 4.32 3.29
CA GLU A 87 12.66 4.05 4.65
C GLU A 87 13.17 5.14 5.59
N GLY A 88 12.28 5.64 6.44
CA GLY A 88 12.60 6.77 7.27
C GLY A 88 11.78 7.99 6.90
N TYR A 89 12.35 9.18 7.08
CA TYR A 89 11.65 10.41 6.79
C TYR A 89 12.64 11.42 6.20
N PRO A 90 12.17 12.51 5.59
CA PRO A 90 13.10 13.46 4.96
C PRO A 90 14.17 13.92 5.94
N GLY A 91 15.43 13.74 5.54
CA GLY A 91 16.55 14.14 6.37
C GLY A 91 16.97 13.05 7.33
N LYS A 92 16.00 12.24 7.77
CA LYS A 92 16.30 11.11 8.65
C LYS A 92 16.08 9.78 7.94
N ARG A 93 16.68 9.62 6.77
CA ARG A 93 16.56 8.39 6.00
C ARG A 93 17.56 7.35 6.50
N PHE A 94 17.25 6.09 6.22
CA PHE A 94 18.14 5.00 6.62
C PHE A 94 19.19 4.68 5.57
N TYR A 95 18.97 5.08 4.32
CA TYR A 95 19.97 4.96 3.25
C TYR A 95 20.24 6.34 2.66
N GLY A 96 21.17 6.37 1.70
CA GLY A 96 21.48 7.57 0.96
C GLY A 96 20.75 7.63 -0.37
N GLY A 97 21.12 8.61 -1.18
CA GLY A 97 20.51 8.83 -2.47
C GLY A 97 19.07 9.30 -2.43
N ALA A 98 18.55 9.62 -1.25
CA ALA A 98 17.19 10.12 -1.09
C ALA A 98 17.10 11.63 -1.26
N GLU A 99 18.00 12.23 -2.04
CA GLU A 99 18.10 13.68 -2.09
C GLU A 99 16.83 14.31 -2.66
N VAL A 100 16.26 13.71 -3.69
CA VAL A 100 15.14 14.34 -4.39
C VAL A 100 13.81 13.78 -3.88
N VAL A 101 13.78 12.49 -3.52
CA VAL A 101 12.55 11.97 -2.94
C VAL A 101 12.28 12.60 -1.58
N ASP A 102 13.30 13.13 -0.91
CA ASP A 102 13.05 13.96 0.25
C ASP A 102 12.33 15.25 -0.14
N GLU A 103 12.76 15.87 -1.24
CA GLU A 103 12.07 17.05 -1.73
C GLU A 103 10.64 16.70 -2.14
N ILE A 104 10.45 15.50 -2.69
CA ILE A 104 9.12 15.09 -3.13
C ILE A 104 8.20 14.85 -1.93
N GLU A 105 8.70 14.15 -0.92
CA GLU A 105 7.90 13.91 0.27
C GLU A 105 7.59 15.22 1.01
N LEU A 106 8.60 16.09 1.13
CA LEU A 106 8.39 17.36 1.81
C LEU A 106 7.45 18.26 1.03
N LEU A 107 7.57 18.25 -0.31
CA LEU A 107 6.62 19.00 -1.14
C LEU A 107 5.21 18.48 -0.96
N CYS A 108 5.06 17.15 -0.88
CA CYS A 108 3.75 16.56 -0.64
C CYS A 108 3.19 16.99 0.71
N GLN A 109 4.05 17.11 1.72
CA GLN A 109 3.59 17.55 3.04
C GLN A 109 3.12 18.99 3.00
N ARG A 110 3.87 19.87 2.31
CA ARG A 110 3.48 21.27 2.23
C ARG A 110 2.18 21.44 1.46
N ARG A 111 2.05 20.76 0.33
CA ARG A 111 0.81 20.84 -0.45
C ARG A 111 -0.36 20.25 0.31
N ALA A 112 -0.11 19.24 1.16
CA ALA A 112 -1.18 18.68 1.98
C ALA A 112 -1.71 19.73 2.96
N LEU A 113 -0.80 20.37 3.70
CA LEU A 113 -1.22 21.37 4.67
C LEU A 113 -1.88 22.57 3.98
N GLU A 114 -1.44 22.90 2.78
CA GLU A 114 -2.00 24.06 2.09
C GLU A 114 -3.38 23.75 1.51
N ALA A 115 -3.57 22.53 1.01
CA ALA A 115 -4.86 22.16 0.44
C ALA A 115 -5.96 22.18 1.49
N PHE A 116 -5.61 22.04 2.76
CA PHE A 116 -6.60 22.07 3.84
C PHE A 116 -6.45 23.30 4.73
N ASP A 117 -5.76 24.33 4.24
CA ASP A 117 -5.66 25.63 4.90
C ASP A 117 -5.13 25.50 6.33
N LEU A 118 -4.08 24.69 6.48
CA LEU A 118 -3.53 24.36 7.79
C LEU A 118 -2.25 25.15 8.04
N ASP A 119 -2.06 25.53 9.31
CA ASP A 119 -0.86 26.26 9.71
C ASP A 119 0.25 25.26 10.00
N PRO A 120 1.40 25.35 9.32
CA PRO A 120 2.49 24.40 9.60
C PRO A 120 3.00 24.47 11.03
N ALA A 121 2.69 25.54 11.77
CA ALA A 121 3.03 25.59 13.18
C ALA A 121 2.03 24.84 14.04
N GLN A 122 0.83 24.57 13.52
CA GLN A 122 -0.20 23.85 14.26
C GLN A 122 -0.46 22.44 13.75
N TRP A 123 0.06 22.07 12.58
CA TRP A 123 -0.29 20.81 11.96
C TRP A 123 0.90 20.20 11.22
N GLY A 124 1.08 18.89 11.41
CA GLY A 124 1.96 18.10 10.58
C GLY A 124 1.14 17.05 9.83
N VAL A 125 1.80 16.41 8.86
CA VAL A 125 1.13 15.41 8.05
C VAL A 125 2.11 14.30 7.70
N ASN A 126 1.63 13.07 7.70
CA ASN A 126 2.39 11.92 7.24
C ASN A 126 1.82 11.48 5.89
N VAL A 127 2.69 11.38 4.89
CA VAL A 127 2.25 11.08 3.52
C VAL A 127 2.53 9.65 3.11
N GLN A 128 3.06 8.83 4.00
CA GLN A 128 3.45 7.46 3.68
C GLN A 128 2.41 6.36 3.87
N PRO A 129 1.25 6.58 4.51
CA PRO A 129 0.28 5.47 4.60
C PRO A 129 -0.10 4.93 3.23
N TYR A 130 0.04 3.61 3.08
CA TYR A 130 -0.20 2.97 1.79
C TYR A 130 -1.63 3.17 1.30
N SER A 131 -2.59 3.26 2.22
CA SER A 131 -3.98 3.47 1.85
C SER A 131 -4.71 4.06 3.05
N GLY A 132 -6.05 4.08 2.97
CA GLY A 132 -6.83 4.61 4.07
C GLY A 132 -6.84 3.69 5.27
N SER A 133 -6.98 2.38 5.05
CA SER A 133 -6.93 1.42 6.15
C SER A 133 -5.59 1.38 6.86
N PRO A 134 -4.43 1.36 6.18
CA PRO A 134 -3.16 1.44 6.93
C PRO A 134 -2.99 2.76 7.65
N ALA A 135 -3.62 3.84 7.16
CA ALA A 135 -3.56 5.11 7.87
C ALA A 135 -4.25 5.01 9.22
N ASN A 136 -5.46 4.43 9.24
CA ASN A 136 -6.20 4.33 10.49
C ASN A 136 -5.52 3.37 11.46
N LEU A 137 -4.98 2.26 10.95
CA LEU A 137 -4.26 1.34 11.83
C LEU A 137 -3.01 1.98 12.41
N ALA A 138 -2.39 2.91 11.69
CA ALA A 138 -1.21 3.59 12.22
C ALA A 138 -1.58 4.53 13.36
N VAL A 139 -2.76 5.15 13.29
CA VAL A 139 -3.19 6.04 14.36
C VAL A 139 -3.44 5.25 15.63
N TYR A 140 -4.21 4.16 15.53
CA TYR A 140 -4.47 3.35 16.71
C TYR A 140 -3.17 2.81 17.30
N THR A 141 -2.25 2.37 16.45
CA THR A 141 -0.97 1.84 16.93
C THR A 141 -0.15 2.91 17.64
N ALA A 142 -0.21 4.14 17.13
CA ALA A 142 0.61 5.23 17.65
C ALA A 142 0.10 5.75 19.00
N LEU A 143 -1.22 5.80 19.17
CA LEU A 143 -1.80 6.43 20.35
C LEU A 143 -2.37 5.45 21.36
N LEU A 144 -2.73 4.25 20.95
CA LEU A 144 -3.41 3.30 21.83
C LEU A 144 -2.52 2.09 22.09
N GLN A 145 -2.76 1.45 23.21
CA GLN A 145 -2.18 0.18 23.56
C GLN A 145 -3.04 -0.95 23.02
N PRO A 146 -2.44 -2.12 22.76
CA PRO A 146 -3.26 -3.28 22.39
C PRO A 146 -4.40 -3.48 23.39
N HIS A 147 -5.59 -3.68 22.86
CA HIS A 147 -6.85 -3.90 23.57
C HIS A 147 -7.42 -2.61 24.15
N ASP A 148 -6.84 -1.45 23.88
CA ASP A 148 -7.47 -0.19 24.26
C ASP A 148 -8.76 -0.01 23.45
N ARG A 149 -9.60 0.91 23.91
CA ARG A 149 -10.99 0.98 23.46
C ARG A 149 -11.17 2.03 22.37
N ILE A 150 -11.94 1.65 21.34
CA ILE A 150 -12.23 2.48 20.18
C ILE A 150 -13.74 2.51 19.98
N MET A 151 -14.27 3.66 19.57
CA MET A 151 -15.67 3.75 19.18
C MET A 151 -15.79 4.37 17.80
N GLY A 152 -16.57 3.72 16.93
CA GLY A 152 -16.87 4.26 15.62
C GLY A 152 -18.31 3.99 15.26
N LEU A 153 -18.76 4.64 14.19
CA LEU A 153 -20.11 4.36 13.70
C LEU A 153 -20.18 2.90 13.28
N ASP A 154 -21.25 2.22 13.70
CA ASP A 154 -21.43 0.82 13.33
C ASP A 154 -21.41 0.67 11.82
N LEU A 155 -20.96 -0.51 11.37
CA LEU A 155 -20.79 -0.73 9.93
C LEU A 155 -22.09 -0.64 9.16
N PRO A 156 -23.17 -1.34 9.51
CA PRO A 156 -24.42 -1.16 8.75
C PRO A 156 -24.99 0.24 8.87
N ASP A 157 -24.59 1.00 9.89
CA ASP A 157 -25.09 2.34 10.07
C ASP A 157 -24.33 3.37 9.25
N GLY A 158 -23.26 2.97 8.56
CA GLY A 158 -22.51 3.87 7.70
C GLY A 158 -21.04 3.99 8.03
N GLY A 159 -20.54 3.36 9.09
CA GLY A 159 -19.13 3.44 9.42
C GLY A 159 -18.27 2.65 8.43
N HIS A 160 -16.97 2.67 8.69
CA HIS A 160 -16.01 1.91 7.90
C HIS A 160 -15.49 0.73 8.73
N LEU A 161 -15.06 -0.32 8.03
CA LEU A 161 -14.52 -1.50 8.70
C LEU A 161 -13.43 -1.13 9.69
N THR A 162 -12.52 -0.25 9.27
CA THR A 162 -11.38 0.12 10.11
C THR A 162 -11.77 0.89 11.36
N HIS A 163 -13.03 1.27 11.51
CA HIS A 163 -13.50 1.89 12.75
C HIS A 163 -13.88 0.86 13.80
N GLY A 164 -13.46 -0.39 13.61
CA GLY A 164 -13.89 -1.48 14.46
C GLY A 164 -15.18 -2.07 13.97
N TYR A 165 -15.18 -3.37 13.69
CA TYR A 165 -16.40 -4.07 13.34
C TYR A 165 -16.27 -5.51 13.80
N MET A 166 -17.22 -5.95 14.62
CA MET A 166 -17.37 -7.35 14.98
C MET A 166 -18.78 -7.78 14.65
N SER A 167 -18.92 -8.93 14.00
CA SER A 167 -20.23 -9.55 13.94
C SER A 167 -20.56 -10.12 15.31
N ASP A 168 -21.73 -10.74 15.43
CA ASP A 168 -22.08 -11.37 16.68
C ASP A 168 -21.42 -12.73 16.86
N VAL A 169 -20.46 -13.08 16.00
CA VAL A 169 -19.81 -14.40 16.05
C VAL A 169 -18.30 -14.27 15.90
N LYS A 170 -17.83 -13.21 15.25
CA LYS A 170 -16.41 -13.13 14.90
C LYS A 170 -15.92 -11.69 14.95
N ARG A 171 -14.70 -11.52 15.45
CA ARG A 171 -13.96 -10.28 15.22
C ARG A 171 -13.55 -10.22 13.75
N ILE A 172 -14.02 -9.21 13.04
CA ILE A 172 -13.84 -9.15 11.60
C ILE A 172 -12.74 -8.15 11.24
N SER A 173 -12.92 -6.90 11.64
CA SER A 173 -11.87 -5.91 11.40
C SER A 173 -10.70 -6.14 12.34
N ALA A 174 -9.48 -6.01 11.81
CA ALA A 174 -8.30 -6.10 12.67
C ALA A 174 -8.34 -5.04 13.76
N THR A 175 -9.00 -3.91 13.50
CA THR A 175 -9.20 -2.90 14.53
C THR A 175 -9.94 -3.49 15.74
N SER A 176 -10.78 -4.48 15.51
CA SER A 176 -11.50 -5.17 16.59
C SER A 176 -10.74 -6.36 17.15
N ILE A 177 -9.55 -6.64 16.63
CA ILE A 177 -8.70 -7.72 17.14
C ILE A 177 -7.60 -7.19 18.04
N PHE A 178 -6.87 -6.19 17.58
CA PHE A 178 -5.81 -5.58 18.35
C PHE A 178 -6.32 -4.51 19.32
N PHE A 179 -7.56 -4.06 19.16
CA PHE A 179 -8.18 -3.14 20.10
C PHE A 179 -9.64 -3.54 20.28
N GLU A 180 -10.24 -3.04 21.36
CA GLU A 180 -11.61 -3.38 21.72
C GLU A 180 -12.52 -2.28 21.22
N SER A 181 -13.33 -2.57 20.21
CA SER A 181 -14.21 -1.57 19.62
C SER A 181 -15.63 -1.77 20.11
N MET A 182 -16.32 -0.65 20.33
CA MET A 182 -17.75 -0.65 20.58
C MET A 182 -18.38 0.39 19.65
N PRO A 183 -19.38 0.02 18.86
CA PRO A 183 -19.94 0.96 17.89
C PRO A 183 -21.00 1.86 18.52
N TYR A 184 -21.22 2.99 17.85
CA TYR A 184 -22.39 3.83 18.12
C TYR A 184 -23.26 3.85 16.88
N LYS A 185 -24.52 4.21 17.07
CA LYS A 185 -25.57 3.95 16.10
C LYS A 185 -26.22 5.23 15.60
N LEU A 186 -26.86 5.12 14.44
CA LEU A 186 -27.74 6.16 13.97
C LEU A 186 -29.04 6.14 14.77
N ASN A 187 -29.70 7.30 14.81
CA ASN A 187 -31.08 7.35 15.26
C ASN A 187 -31.95 6.94 14.07
N PRO A 188 -32.55 5.75 14.08
CA PRO A 188 -33.28 5.27 12.90
C PRO A 188 -34.44 6.16 12.50
N LYS A 189 -35.04 6.87 13.47
CA LYS A 189 -36.15 7.76 13.15
C LYS A 189 -35.72 8.92 12.26
N THR A 190 -34.48 9.38 12.40
CA THR A 190 -33.99 10.54 11.67
C THR A 190 -32.88 10.24 10.68
N GLY A 191 -32.31 9.04 10.70
CA GLY A 191 -31.18 8.74 9.84
C GLY A 191 -29.88 9.41 10.23
N LEU A 192 -29.84 10.15 11.33
CA LEU A 192 -28.63 10.86 11.75
C LEU A 192 -27.93 10.12 12.87
N ILE A 193 -26.66 10.47 13.08
CA ILE A 193 -25.89 9.93 14.19
C ILE A 193 -26.55 10.33 15.49
N ASP A 194 -26.73 9.36 16.39
CA ASP A 194 -27.34 9.63 17.69
C ASP A 194 -26.25 10.13 18.63
N TYR A 195 -25.90 11.40 18.46
CA TYR A 195 -24.89 12.01 19.31
C TYR A 195 -25.25 11.90 20.79
N ASN A 196 -26.54 11.82 21.11
CA ASN A 196 -26.95 11.64 22.50
C ASN A 196 -26.59 10.25 23.00
N GLN A 197 -26.95 9.21 22.25
CA GLN A 197 -26.62 7.85 22.68
C GLN A 197 -25.12 7.61 22.65
N LEU A 198 -24.39 8.27 21.77
CA LEU A 198 -22.94 8.18 21.79
C LEU A 198 -22.39 8.72 23.10
N ALA A 199 -22.88 9.88 23.53
CA ALA A 199 -22.43 10.47 24.78
C ALA A 199 -22.78 9.57 25.97
N LEU A 200 -23.95 8.93 25.91
CA LEU A 200 -24.33 8.01 26.99
C LEU A 200 -23.40 6.81 27.04
N THR A 201 -23.15 6.20 25.88
CA THR A 201 -22.35 4.98 25.85
C THR A 201 -20.86 5.26 26.04
N ALA A 202 -20.36 6.39 25.54
CA ALA A 202 -18.95 6.71 25.74
C ALA A 202 -18.63 6.96 27.20
N ARG A 203 -19.59 7.47 27.98
CA ARG A 203 -19.35 7.65 29.41
C ARG A 203 -19.26 6.32 30.13
N LEU A 204 -19.96 5.29 29.66
CA LEU A 204 -19.88 3.97 30.26
C LEU A 204 -18.71 3.18 29.69
N PHE A 205 -18.53 3.21 28.37
CA PHE A 205 -17.50 2.42 27.72
C PHE A 205 -16.11 2.97 27.97
N ARG A 206 -16.01 4.28 28.20
CA ARG A 206 -14.74 4.97 28.45
C ARG A 206 -13.71 4.68 27.35
N PRO A 207 -13.99 5.07 26.11
CA PRO A 207 -13.04 4.81 25.02
C PRO A 207 -11.87 5.78 25.09
N ARG A 208 -10.72 5.28 24.63
CA ARG A 208 -9.52 6.11 24.54
C ARG A 208 -9.43 6.88 23.23
N LEU A 209 -10.22 6.51 22.23
CA LEU A 209 -10.27 7.23 20.96
C LEU A 209 -11.61 6.98 20.30
N ILE A 210 -12.23 8.05 19.78
CA ILE A 210 -13.52 7.99 19.12
C ILE A 210 -13.33 8.49 17.69
N ILE A 211 -13.98 7.82 16.74
CA ILE A 211 -13.78 8.09 15.32
C ILE A 211 -14.97 8.87 14.78
N ALA A 212 -14.71 10.03 14.18
CA ALA A 212 -15.71 10.83 13.48
C ALA A 212 -15.45 10.68 11.99
N GLY A 213 -16.28 9.91 11.31
CA GLY A 213 -16.05 9.62 9.91
C GLY A 213 -16.94 8.50 9.41
N THR A 214 -17.30 8.53 8.14
CA THR A 214 -18.32 7.63 7.61
C THR A 214 -17.96 7.18 6.21
N SER A 215 -18.59 6.08 5.80
CA SER A 215 -18.60 5.64 4.41
C SER A 215 -19.93 5.89 3.73
N ALA A 216 -21.04 5.58 4.40
CA ALA A 216 -22.39 5.74 3.86
C ALA A 216 -23.17 6.67 4.78
N TYR A 217 -22.99 7.98 4.56
CA TYR A 217 -23.65 8.99 5.38
C TYR A 217 -23.81 10.24 4.54
N ALA A 218 -25.05 10.67 4.34
CA ALA A 218 -25.35 11.82 3.48
C ALA A 218 -25.28 13.14 4.22
N ARG A 219 -24.94 13.16 5.50
CA ARG A 219 -25.05 14.37 6.29
C ARG A 219 -23.68 14.82 6.80
N LEU A 220 -23.67 16.02 7.37
CA LEU A 220 -22.47 16.59 7.96
C LEU A 220 -22.31 16.12 9.40
N ILE A 221 -21.16 15.52 9.69
CA ILE A 221 -20.88 15.06 11.04
C ILE A 221 -20.64 16.25 11.95
N ASP A 222 -21.32 16.26 13.10
CA ASP A 222 -21.18 17.34 14.09
C ASP A 222 -19.88 17.14 14.86
N TYR A 223 -18.79 17.64 14.27
CA TYR A 223 -17.47 17.44 14.86
C TYR A 223 -17.34 18.16 16.20
N ALA A 224 -18.01 19.30 16.36
CA ALA A 224 -17.95 20.00 17.64
C ALA A 224 -18.59 19.17 18.75
N ARG A 225 -19.74 18.56 18.46
CA ARG A 225 -20.36 17.67 19.43
C ARG A 225 -19.49 16.45 19.72
N MET A 226 -18.80 15.96 18.70
CA MET A 226 -17.86 14.86 18.90
C MET A 226 -16.75 15.28 19.86
N ARG A 227 -16.15 16.45 19.61
CA ARG A 227 -15.03 16.90 20.44
C ARG A 227 -15.46 17.13 21.88
N GLU A 228 -16.73 17.47 22.12
CA GLU A 228 -17.20 17.64 23.49
C GLU A 228 -17.32 16.30 24.20
N VAL A 229 -17.85 15.29 23.51
CA VAL A 229 -17.92 13.95 24.10
C VAL A 229 -16.51 13.43 24.36
N CYS A 230 -15.57 13.68 23.44
CA CYS A 230 -14.21 13.19 23.62
C CYS A 230 -13.51 13.90 24.77
N ASP A 231 -13.68 15.21 24.89
CA ASP A 231 -13.05 15.93 25.98
C ASP A 231 -13.63 15.48 27.33
N GLU A 232 -14.91 15.12 27.36
CA GLU A 232 -15.54 14.72 28.61
C GLU A 232 -14.98 13.39 29.12
N VAL A 233 -14.81 12.42 28.21
CA VAL A 233 -14.36 11.08 28.59
C VAL A 233 -12.86 10.91 28.40
N LYS A 234 -12.13 11.99 28.10
CA LYS A 234 -10.68 11.98 27.96
C LYS A 234 -10.24 11.02 26.86
N ALA A 235 -10.77 11.27 25.65
CA ALA A 235 -10.51 10.45 24.48
C ALA A 235 -10.02 11.33 23.34
N HIS A 236 -9.23 10.73 22.45
CA HIS A 236 -8.80 11.40 21.24
C HIS A 236 -9.92 11.38 20.20
N LEU A 237 -10.16 12.52 19.56
CA LEU A 237 -11.11 12.59 18.46
C LEU A 237 -10.34 12.42 17.15
N LEU A 238 -10.57 11.30 16.46
CA LEU A 238 -10.03 11.06 15.13
C LEU A 238 -11.11 11.32 14.11
N ALA A 239 -10.85 12.27 13.20
CA ALA A 239 -11.74 12.52 12.07
C ALA A 239 -11.22 11.76 10.86
N ASP A 240 -12.02 10.80 10.38
CA ASP A 240 -11.67 10.01 9.20
C ASP A 240 -12.50 10.54 8.04
N MET A 241 -11.92 11.48 7.30
CA MET A 241 -12.65 12.21 6.26
C MET A 241 -12.35 11.68 4.87
N ALA A 242 -12.25 10.36 4.72
CA ALA A 242 -11.91 9.78 3.43
C ALA A 242 -12.93 10.17 2.36
N HIS A 243 -14.22 10.04 2.68
CA HIS A 243 -15.24 10.27 1.67
C HIS A 243 -15.40 11.74 1.32
N ILE A 244 -15.10 12.65 2.24
CA ILE A 244 -15.45 14.05 2.07
C ILE A 244 -14.21 14.94 1.96
N SER A 245 -13.01 14.35 1.90
CA SER A 245 -11.80 15.15 1.98
C SER A 245 -11.74 16.20 0.88
N GLY A 246 -12.08 15.81 -0.35
CA GLY A 246 -12.07 16.77 -1.45
C GLY A 246 -13.02 17.93 -1.19
N LEU A 247 -14.15 17.66 -0.55
CA LEU A 247 -15.07 18.73 -0.21
C LEU A 247 -14.49 19.63 0.87
N VAL A 248 -13.77 19.04 1.83
CA VAL A 248 -13.15 19.82 2.90
C VAL A 248 -12.06 20.71 2.33
N ALA A 249 -11.27 20.20 1.38
CA ALA A 249 -10.17 20.98 0.82
C ALA A 249 -10.68 22.16 0.01
N ALA A 250 -11.83 22.03 -0.64
CA ALA A 250 -12.42 23.12 -1.39
C ALA A 250 -13.20 24.09 -0.51
N LYS A 251 -13.31 23.81 0.79
CA LYS A 251 -14.04 24.66 1.74
C LYS A 251 -15.51 24.80 1.33
N VAL A 252 -16.11 23.71 0.83
CA VAL A 252 -17.54 23.70 0.54
C VAL A 252 -18.34 23.03 1.65
N ILE A 253 -17.69 22.41 2.62
CA ILE A 253 -18.32 21.91 3.85
C ILE A 253 -17.40 22.20 5.02
N PRO A 254 -17.94 22.19 6.24
CA PRO A 254 -17.10 22.50 7.41
C PRO A 254 -15.90 21.57 7.54
N SER A 255 -14.78 22.13 7.98
CA SER A 255 -13.53 21.38 8.09
C SER A 255 -13.48 20.64 9.42
N PRO A 256 -13.25 19.32 9.42
CA PRO A 256 -13.05 18.62 10.70
C PRO A 256 -11.79 19.05 11.43
N PHE A 257 -10.85 19.72 10.74
CA PHE A 257 -9.63 20.18 11.39
C PHE A 257 -9.89 21.20 12.48
N LYS A 258 -11.04 21.87 12.44
CA LYS A 258 -11.37 22.82 13.50
C LYS A 258 -11.61 22.15 14.85
N HIS A 259 -11.95 20.86 14.86
CA HIS A 259 -12.32 20.19 16.10
C HIS A 259 -11.60 18.87 16.36
N ALA A 260 -10.79 18.38 15.42
CA ALA A 260 -10.20 17.06 15.55
C ALA A 260 -8.72 17.14 15.92
N ASP A 261 -8.30 16.27 16.85
CA ASP A 261 -6.88 16.13 17.16
C ASP A 261 -6.13 15.48 16.01
N ILE A 262 -6.72 14.43 15.43
CA ILE A 262 -6.11 13.65 14.37
C ILE A 262 -7.09 13.60 13.21
N VAL A 263 -6.56 13.69 11.98
CA VAL A 263 -7.37 13.55 10.78
C VAL A 263 -6.69 12.55 9.86
N THR A 264 -7.41 11.49 9.50
CA THR A 264 -6.97 10.56 8.49
C THR A 264 -7.81 10.76 7.23
N THR A 265 -7.25 10.34 6.10
CA THR A 265 -7.99 10.43 4.85
C THR A 265 -7.33 9.55 3.81
N THR A 266 -8.15 9.07 2.89
CA THR A 266 -7.65 8.54 1.63
C THR A 266 -7.31 9.70 0.70
N THR A 267 -6.32 9.48 -0.16
CA THR A 267 -5.93 10.48 -1.14
C THR A 267 -6.72 10.36 -2.44
N HIS A 268 -7.51 9.31 -2.59
CA HIS A 268 -8.45 9.23 -3.71
C HIS A 268 -9.84 9.64 -3.21
N LYS A 269 -10.87 8.97 -3.71
CA LYS A 269 -12.27 9.37 -3.47
C LYS A 269 -12.37 10.81 -3.90
N THR A 270 -12.97 11.68 -3.09
CA THR A 270 -13.24 13.05 -3.55
C THR A 270 -11.98 13.89 -3.73
N LEU A 271 -10.83 13.39 -3.27
CA LEU A 271 -9.57 14.10 -3.50
C LEU A 271 -8.99 13.82 -4.88
N ARG A 272 -9.38 12.72 -5.52
CA ARG A 272 -9.12 12.44 -6.93
C ARG A 272 -7.64 12.19 -7.22
N GLY A 273 -6.90 11.66 -6.25
CA GLY A 273 -5.52 11.29 -6.45
C GLY A 273 -5.34 9.79 -6.60
N ALA A 274 -4.09 9.36 -6.53
CA ALA A 274 -3.81 7.94 -6.47
C ALA A 274 -4.20 7.38 -5.11
N ARG A 275 -4.34 6.06 -5.05
CA ARG A 275 -4.74 5.41 -3.81
C ARG A 275 -3.58 5.44 -2.81
N SER A 276 -3.72 6.27 -1.79
CA SER A 276 -2.76 6.37 -0.70
C SER A 276 -3.49 6.97 0.50
N GLY A 277 -2.76 7.26 1.57
CA GLY A 277 -3.37 7.76 2.78
C GLY A 277 -2.54 8.89 3.38
N LEU A 278 -3.20 9.67 4.24
CA LEU A 278 -2.57 10.76 4.94
C LEU A 278 -3.03 10.74 6.40
N ILE A 279 -2.12 11.09 7.30
CA ILE A 279 -2.45 11.33 8.70
C ILE A 279 -2.05 12.76 9.04
N PHE A 280 -3.04 13.59 9.33
CA PHE A 280 -2.80 14.92 9.87
C PHE A 280 -2.89 14.89 11.39
N TYR A 281 -2.01 15.65 12.04
CA TYR A 281 -1.96 15.69 13.50
C TYR A 281 -1.55 17.09 13.94
N ARG A 282 -1.81 17.38 15.20
CA ARG A 282 -1.54 18.71 15.74
C ARG A 282 -0.12 18.79 16.30
N LYS A 283 0.43 20.01 16.27
CA LYS A 283 1.73 20.33 16.82
C LYS A 283 1.63 21.60 17.66
N GLY A 284 2.65 21.84 18.48
CA GLY A 284 2.68 23.03 19.29
C GLY A 284 2.26 22.79 20.73
N VAL A 285 1.50 23.73 21.31
CA VAL A 285 1.06 23.63 22.69
C VAL A 285 -0.37 23.12 22.72
N LYS A 286 -0.60 22.03 23.47
CA LYS A 286 -1.93 21.47 23.61
C LYS A 286 -2.80 22.38 24.46
N THR A 292 -0.50 26.02 37.69
CA THR A 292 0.94 25.76 37.62
C THR A 292 1.64 26.78 36.73
N GLY A 293 1.33 26.76 35.44
CA GLY A 293 1.84 27.77 34.53
C GLY A 293 2.54 27.26 33.29
N ARG A 294 2.95 25.99 33.29
CA ARG A 294 3.70 25.45 32.17
C ARG A 294 2.78 25.12 31.00
N GLU A 295 3.38 25.08 29.81
CA GLU A 295 2.67 24.79 28.57
C GLU A 295 2.85 23.33 28.20
N ILE A 296 1.74 22.59 28.11
CA ILE A 296 1.76 21.17 27.76
C ILE A 296 1.79 21.04 26.25
N PRO A 297 2.72 20.28 25.67
CA PRO A 297 2.82 20.19 24.21
C PRO A 297 2.01 19.04 23.63
N TYR A 298 1.62 19.22 22.38
CA TYR A 298 1.04 18.12 21.63
C TYR A 298 2.10 17.06 21.41
N THR A 299 1.71 15.80 21.58
CA THR A 299 2.63 14.67 21.54
C THR A 299 2.20 13.63 20.51
N PHE A 300 1.72 14.11 19.35
CA PHE A 300 1.24 13.24 18.29
C PHE A 300 2.33 12.94 17.26
N GLU A 301 3.15 13.93 16.92
CA GLU A 301 4.02 13.83 15.74
C GLU A 301 4.96 12.63 15.82
N ASP A 302 5.63 12.46 16.96
CA ASP A 302 6.63 11.40 17.05
C ASP A 302 5.99 10.02 17.13
N ARG A 303 4.86 9.90 17.82
CA ARG A 303 4.20 8.60 17.92
C ARG A 303 3.58 8.20 16.59
N ILE A 304 2.93 9.15 15.91
CA ILE A 304 2.32 8.86 14.60
C ILE A 304 3.39 8.43 13.61
N ASN A 305 4.46 9.21 13.49
CA ASN A 305 5.50 8.91 12.50
C ASN A 305 6.19 7.60 12.80
N PHE A 306 6.39 7.29 14.10
CA PHE A 306 7.02 6.03 14.47
C PHE A 306 6.13 4.85 14.14
N ALA A 307 4.81 5.01 14.26
CA ALA A 307 3.90 3.91 13.98
C ALA A 307 3.90 3.55 12.50
N VAL A 308 3.98 4.55 11.62
CA VAL A 308 4.06 4.27 10.19
C VAL A 308 5.35 3.53 9.87
N PHE A 309 6.49 4.13 10.21
CA PHE A 309 7.79 3.49 10.11
C PHE A 309 8.55 3.88 11.38
N PRO A 310 9.20 2.92 12.06
CA PRO A 310 9.49 1.52 11.74
C PRO A 310 8.38 0.50 12.01
N SER A 311 7.36 0.88 12.79
CA SER A 311 6.47 -0.11 13.39
C SER A 311 5.71 -0.92 12.33
N LEU A 312 4.92 -0.26 11.49
CA LEU A 312 3.95 -0.94 10.64
C LEU A 312 4.42 -1.13 9.20
N GLN A 313 4.81 -0.05 8.52
CA GLN A 313 5.11 -0.10 7.11
C GLN A 313 6.60 -0.34 6.86
N GLY A 314 6.94 -0.57 5.61
CA GLY A 314 8.32 -0.69 5.21
C GLY A 314 8.75 0.51 4.37
N GLY A 315 9.15 0.25 3.13
CA GLY A 315 9.57 1.31 2.25
C GLY A 315 8.39 2.07 1.70
N PRO A 316 8.44 3.40 1.78
CA PRO A 316 7.32 4.20 1.28
C PRO A 316 7.20 4.06 -0.22
N HIS A 317 5.96 4.15 -0.71
CA HIS A 317 5.69 4.11 -2.13
C HIS A 317 5.82 5.52 -2.67
N ASN A 318 7.04 5.90 -3.04
CA ASN A 318 7.30 7.27 -3.45
C ASN A 318 6.53 7.63 -4.73
N HIS A 319 6.23 6.63 -5.56
CA HIS A 319 5.43 6.89 -6.75
C HIS A 319 4.02 7.33 -6.37
N ALA A 320 3.43 6.68 -5.35
CA ALA A 320 2.13 7.13 -4.87
C ALA A 320 2.23 8.50 -4.20
N ILE A 321 3.26 8.71 -3.39
CA ILE A 321 3.44 9.99 -2.71
C ILE A 321 3.49 11.13 -3.73
N ALA A 322 4.21 10.93 -4.83
CA ALA A 322 4.32 11.95 -5.85
C ALA A 322 2.97 12.20 -6.53
N ALA A 323 2.27 11.12 -6.89
CA ALA A 323 0.95 11.27 -7.50
C ALA A 323 -0.02 11.95 -6.56
N VAL A 324 0.04 11.60 -5.28
CA VAL A 324 -0.77 12.29 -4.28
C VAL A 324 -0.44 13.78 -4.26
N ALA A 325 0.83 14.13 -4.46
CA ALA A 325 1.23 15.53 -4.42
C ALA A 325 0.65 16.32 -5.59
N VAL A 326 0.60 15.72 -6.78
CA VAL A 326 0.01 16.41 -7.93
C VAL A 326 -1.47 16.65 -7.68
N ALA A 327 -2.16 15.67 -7.11
CA ALA A 327 -3.59 15.85 -6.81
C ALA A 327 -3.79 16.91 -5.73
N LEU A 328 -2.94 16.92 -4.71
CA LEU A 328 -3.07 17.93 -3.67
C LEU A 328 -2.87 19.34 -4.21
N LYS A 329 -1.98 19.52 -5.20
CA LYS A 329 -1.87 20.82 -5.85
C LYS A 329 -3.10 21.11 -6.69
N GLN A 330 -3.65 20.09 -7.34
CA GLN A 330 -4.90 20.26 -8.06
C GLN A 330 -6.06 20.65 -7.15
N ALA A 331 -5.95 20.38 -5.84
CA ALA A 331 -7.04 20.65 -4.92
C ALA A 331 -7.04 22.07 -4.38
N CYS A 332 -5.89 22.75 -4.39
CA CYS A 332 -5.84 24.17 -4.03
C CYS A 332 -6.29 25.07 -5.18
N THR A 333 -6.65 24.49 -6.31
CA THR A 333 -6.98 25.24 -7.50
C THR A 333 -8.43 25.73 -7.44
N PRO A 334 -8.74 26.84 -8.12
CA PRO A 334 -10.16 27.23 -8.25
C PRO A 334 -11.00 26.21 -8.98
N MET A 335 -10.41 25.42 -9.88
CA MET A 335 -11.23 24.43 -10.59
C MET A 335 -11.70 23.33 -9.64
N PHE A 336 -10.94 23.06 -8.57
CA PHE A 336 -11.39 22.07 -7.60
C PHE A 336 -12.53 22.60 -6.74
N ARG A 337 -12.51 23.90 -6.43
CA ARG A 337 -13.62 24.48 -5.67
C ARG A 337 -14.91 24.41 -6.48
N GLU A 338 -14.83 24.65 -7.79
CA GLU A 338 -16.04 24.57 -8.61
C GLU A 338 -16.43 23.12 -8.89
N TYR A 339 -15.46 22.23 -9.03
CA TYR A 339 -15.78 20.80 -9.17
C TYR A 339 -16.49 20.29 -7.93
N SER A 340 -15.91 20.56 -6.75
CA SER A 340 -16.53 20.13 -5.50
C SER A 340 -17.89 20.81 -5.29
N LEU A 341 -18.00 22.09 -5.63
CA LEU A 341 -19.31 22.74 -5.60
C LEU A 341 -20.29 22.04 -6.54
N GLN A 342 -19.81 21.59 -7.70
CA GLN A 342 -20.66 20.87 -8.63
C GLN A 342 -21.03 19.49 -8.08
N VAL A 343 -20.09 18.85 -7.37
CA VAL A 343 -20.38 17.56 -6.75
C VAL A 343 -21.56 17.68 -5.80
N LEU A 344 -21.57 18.74 -4.99
CA LEU A 344 -22.71 18.97 -4.09
C LEU A 344 -23.98 19.21 -4.88
N LYS A 345 -23.92 20.09 -5.89
CA LYS A 345 -25.11 20.38 -6.68
C LYS A 345 -25.62 19.13 -7.38
N ASN A 346 -24.72 18.29 -7.87
CA ASN A 346 -25.14 17.10 -8.60
C ASN A 346 -25.78 16.08 -7.68
N ALA A 347 -25.25 15.93 -6.46
CA ALA A 347 -25.86 15.01 -5.51
C ALA A 347 -27.24 15.50 -5.07
N ARG A 348 -27.38 16.81 -4.84
CA ARG A 348 -28.69 17.35 -4.51
C ARG A 348 -29.66 17.21 -5.67
N ALA A 349 -29.18 17.42 -6.90
CA ALA A 349 -30.02 17.22 -8.06
C ALA A 349 -30.45 15.76 -8.19
N MET A 350 -29.51 14.83 -8.00
CA MET A 350 -29.86 13.42 -7.99
C MET A 350 -30.83 13.10 -6.87
N ALA A 351 -30.61 13.67 -5.69
CA ALA A 351 -31.53 13.48 -4.58
C ALA A 351 -32.91 14.04 -4.91
N ASP A 352 -32.96 15.28 -5.40
CA ASP A 352 -34.25 15.89 -5.75
C ASP A 352 -34.97 15.09 -6.83
N ALA A 353 -34.23 14.63 -7.84
CA ALA A 353 -34.84 13.80 -8.87
C ALA A 353 -35.41 12.53 -8.27
N LEU A 354 -34.67 11.90 -7.36
CA LEU A 354 -35.13 10.65 -6.76
C LEU A 354 -36.39 10.85 -5.94
N LEU A 355 -36.47 11.96 -5.21
CA LEU A 355 -37.68 12.23 -4.43
C LEU A 355 -38.89 12.43 -5.35
N GLU A 356 -38.68 13.14 -6.46
CA GLU A 356 -39.79 13.40 -7.38
C GLU A 356 -40.35 12.10 -7.97
N ARG A 357 -39.50 11.12 -8.23
N ARG A 357 -39.50 11.12 -8.23
CA ARG A 357 -39.93 9.84 -8.76
CA ARG A 357 -39.96 9.84 -8.77
C ARG A 357 -40.46 8.89 -7.69
C ARG A 357 -40.55 8.92 -7.71
N GLY A 358 -40.64 9.37 -6.46
CA GLY A 358 -41.24 8.57 -5.42
C GLY A 358 -40.30 7.69 -4.62
N TYR A 359 -39.04 8.10 -4.47
CA TYR A 359 -38.06 7.33 -3.71
C TYR A 359 -37.86 7.95 -2.33
N SER A 360 -37.49 7.10 -1.37
CA SER A 360 -37.15 7.54 -0.02
C SER A 360 -35.65 7.74 0.09
N LEU A 361 -35.25 8.75 0.86
CA LEU A 361 -33.85 9.04 1.11
C LEU A 361 -33.58 8.98 2.61
N VAL A 362 -32.65 8.10 3.01
CA VAL A 362 -32.27 8.02 4.41
C VAL A 362 -31.78 9.37 4.88
N SER A 363 -32.37 9.87 5.98
CA SER A 363 -32.15 11.20 6.52
C SER A 363 -32.69 12.30 5.61
N GLY A 364 -33.62 11.96 4.73
CA GLY A 364 -34.37 12.92 3.92
C GLY A 364 -33.72 13.51 2.69
N GLY A 365 -32.40 13.73 2.74
CA GLY A 365 -31.69 14.28 1.62
C GLY A 365 -30.18 14.12 1.74
N THR A 366 -29.43 15.14 1.36
CA THR A 366 -27.98 15.07 1.45
C THR A 366 -27.40 16.47 1.56
N ASP A 367 -26.31 16.57 2.30
CA ASP A 367 -25.51 17.79 2.40
C ASP A 367 -24.10 17.59 1.88
N ASN A 368 -23.79 16.41 1.36
CA ASN A 368 -22.47 16.16 0.80
C ASN A 368 -22.57 15.57 -0.61
N HIS A 369 -21.78 14.52 -0.88
CA HIS A 369 -21.55 14.04 -2.23
C HIS A 369 -22.35 12.79 -2.58
N LEU A 370 -23.06 12.18 -1.63
CA LEU A 370 -23.73 10.92 -1.88
C LEU A 370 -25.18 11.00 -1.45
N VAL A 371 -25.94 9.97 -1.85
CA VAL A 371 -27.37 9.88 -1.57
C VAL A 371 -27.67 8.44 -1.13
N LEU A 372 -28.35 8.29 -0.01
CA LEU A 372 -28.77 6.99 0.48
C LEU A 372 -30.23 6.77 0.11
N VAL A 373 -30.46 5.92 -0.89
CA VAL A 373 -31.80 5.61 -1.37
C VAL A 373 -32.35 4.44 -0.56
N ASP A 374 -33.60 4.55 -0.13
CA ASP A 374 -34.33 3.49 0.56
C ASP A 374 -35.36 2.93 -0.43
N LEU A 375 -35.10 1.74 -0.95
CA LEU A 375 -35.95 1.14 -1.95
C LEU A 375 -37.02 0.21 -1.36
N ARG A 376 -36.98 -0.05 -0.06
CA ARG A 376 -38.04 -0.82 0.56
C ARG A 376 -39.42 -0.24 0.33
N PRO A 377 -39.63 1.09 0.32
CA PRO A 377 -40.96 1.60 -0.08
C PRO A 377 -41.37 1.19 -1.47
N LYS A 378 -40.50 1.36 -2.47
CA LYS A 378 -40.87 1.05 -3.85
C LYS A 378 -40.92 -0.44 -4.14
N GLY A 379 -40.63 -1.30 -3.16
CA GLY A 379 -40.83 -2.72 -3.32
C GLY A 379 -39.66 -3.51 -3.87
N LEU A 380 -38.44 -3.06 -3.64
CA LEU A 380 -37.26 -3.76 -4.15
C LEU A 380 -36.13 -3.60 -3.15
N ASP A 381 -35.32 -4.63 -3.00
CA ASP A 381 -34.15 -4.55 -2.13
C ASP A 381 -32.95 -4.03 -2.91
N GLY A 382 -31.94 -3.57 -2.17
CA GLY A 382 -30.76 -3.04 -2.81
C GLY A 382 -29.95 -4.09 -3.55
N ALA A 383 -29.95 -5.33 -3.06
CA ALA A 383 -29.19 -6.39 -3.72
C ALA A 383 -29.71 -6.64 -5.12
N ARG A 384 -31.03 -6.66 -5.29
CA ARG A 384 -31.62 -6.83 -6.61
C ARG A 384 -31.30 -5.63 -7.50
N ALA A 385 -31.55 -4.42 -6.98
CA ALA A 385 -31.28 -3.21 -7.74
C ALA A 385 -29.81 -3.09 -8.10
N GLU A 386 -28.92 -3.61 -7.25
CA GLU A 386 -27.50 -3.56 -7.55
C GLU A 386 -27.17 -4.38 -8.80
N ARG A 387 -27.65 -5.62 -8.85
CA ARG A 387 -27.31 -6.49 -9.98
C ARG A 387 -27.95 -6.00 -11.27
N VAL A 388 -29.21 -5.57 -11.21
CA VAL A 388 -29.88 -5.08 -12.40
C VAL A 388 -29.16 -3.88 -12.98
N LEU A 389 -28.80 -2.93 -12.12
CA LEU A 389 -28.06 -1.76 -12.59
C LEU A 389 -26.67 -2.13 -13.08
N GLU A 390 -26.04 -3.13 -12.47
CA GLU A 390 -24.74 -3.59 -12.93
C GLU A 390 -24.79 -4.14 -14.34
N LEU A 391 -25.91 -4.78 -14.71
CA LEU A 391 -26.05 -5.33 -16.05
C LEU A 391 -26.31 -4.26 -17.10
N VAL A 392 -26.80 -3.09 -16.70
CA VAL A 392 -26.97 -1.97 -17.60
C VAL A 392 -25.84 -0.94 -17.43
N SER A 393 -24.70 -1.36 -16.89
CA SER A 393 -23.49 -0.54 -16.77
C SER A 393 -23.67 0.64 -15.81
N ILE A 394 -24.59 0.53 -14.88
CA ILE A 394 -24.76 1.49 -13.80
C ILE A 394 -24.23 0.82 -12.54
N THR A 395 -23.04 1.22 -12.11
CA THR A 395 -22.42 0.63 -10.92
C THR A 395 -22.78 1.45 -9.69
N ALA A 396 -23.52 0.84 -8.78
CA ALA A 396 -23.73 1.36 -7.43
C ALA A 396 -23.52 0.20 -6.46
N ASN A 397 -23.77 0.44 -5.17
CA ASN A 397 -23.60 -0.61 -4.18
C ASN A 397 -24.78 -0.60 -3.22
N LYS A 398 -25.28 -1.79 -2.92
CA LYS A 398 -26.34 -1.94 -1.92
C LYS A 398 -25.88 -1.38 -0.59
N ASN A 399 -26.84 -0.94 0.21
CA ASN A 399 -26.54 -0.35 1.51
C ASN A 399 -27.65 -0.69 2.48
N THR A 400 -27.27 -1.12 3.67
CA THR A 400 -28.24 -1.37 4.72
C THR A 400 -28.98 -0.10 5.09
N CYS A 401 -30.29 -0.18 5.20
CA CYS A 401 -31.03 0.98 5.64
C CYS A 401 -31.26 0.92 7.14
N PRO A 402 -31.41 2.06 7.81
CA PRO A 402 -31.64 2.02 9.28
C PRO A 402 -32.89 1.25 9.64
N GLY A 403 -32.72 0.24 10.49
CA GLY A 403 -33.81 -0.64 10.87
C GLY A 403 -34.08 -1.71 9.84
N ASP A 404 -33.11 -2.61 9.66
CA ASP A 404 -33.08 -3.53 8.53
C ASP A 404 -32.10 -4.64 8.89
N ARG A 405 -31.07 -4.29 9.64
CA ARG A 405 -30.01 -5.22 10.07
C ARG A 405 -29.23 -5.75 8.86
N ALA A 407 -27.98 -7.47 5.85
CA ALA A 407 -28.60 -8.70 5.37
C ALA A 407 -28.04 -9.09 4.01
N ILE A 408 -28.43 -10.28 3.53
CA ILE A 408 -28.21 -10.61 2.13
C ILE A 408 -29.09 -9.79 1.22
N THR A 409 -30.19 -9.26 1.74
CA THR A 409 -31.10 -8.37 1.02
C THR A 409 -31.17 -7.04 1.76
N PRO A 410 -30.15 -6.20 1.63
CA PRO A 410 -30.26 -4.85 2.17
C PRO A 410 -31.27 -4.04 1.37
N GLY A 411 -31.90 -3.09 2.04
CA GLY A 411 -33.03 -2.38 1.48
C GLY A 411 -32.71 -1.10 0.74
N GLY A 412 -31.44 -0.75 0.58
CA GLY A 412 -31.07 0.55 0.07
C GLY A 412 -29.97 0.51 -0.98
N LEU A 413 -29.64 1.70 -1.47
CA LEU A 413 -28.61 1.90 -2.48
C LEU A 413 -27.84 3.16 -2.14
N ARG A 414 -26.53 3.12 -2.26
CA ARG A 414 -25.69 4.28 -2.02
C ARG A 414 -25.19 4.82 -3.36
N LEU A 415 -25.61 6.03 -3.70
CA LEU A 415 -25.32 6.65 -4.99
C LEU A 415 -24.38 7.84 -4.77
N GLY A 416 -23.32 7.90 -5.57
CA GLY A 416 -22.32 8.94 -5.43
C GLY A 416 -22.20 9.78 -6.70
N ALA A 417 -21.80 11.04 -6.50
CA ALA A 417 -21.61 12.03 -7.56
C ALA A 417 -20.16 12.32 -7.96
N PRO A 418 -19.14 12.09 -7.10
CA PRO A 418 -17.79 12.55 -7.47
C PRO A 418 -17.26 12.02 -8.79
N ALA A 419 -17.49 10.75 -9.11
CA ALA A 419 -16.90 10.17 -10.31
C ALA A 419 -17.41 10.84 -11.57
N LEU A 420 -18.73 10.89 -11.74
CA LEU A 420 -19.29 11.47 -12.96
C LEU A 420 -19.10 12.97 -13.01
N THR A 421 -19.11 13.64 -11.85
CA THR A 421 -18.87 15.08 -11.83
C THR A 421 -17.49 15.42 -12.38
N SER A 422 -16.51 14.55 -12.16
CA SER A 422 -15.21 14.74 -12.78
C SER A 422 -15.28 14.64 -14.30
N ARG A 423 -16.16 13.78 -14.82
CA ARG A 423 -16.42 13.67 -16.25
C ARG A 423 -17.32 14.79 -16.76
N GLN A 424 -17.36 15.93 -16.06
CA GLN A 424 -18.08 17.14 -16.45
C GLN A 424 -19.58 16.95 -16.48
N PHE A 425 -20.11 15.95 -15.77
CA PHE A 425 -21.56 15.87 -15.58
C PHE A 425 -22.07 17.12 -14.86
N ARG A 426 -23.31 17.47 -15.14
CA ARG A 426 -23.94 18.58 -14.44
C ARG A 426 -25.35 18.18 -13.99
N GLU A 427 -26.13 19.13 -13.47
CA GLU A 427 -27.38 18.79 -12.80
C GLU A 427 -28.32 18.03 -13.73
N ASP A 428 -28.53 18.55 -14.94
CA ASP A 428 -29.44 17.86 -15.88
C ASP A 428 -28.93 16.49 -16.24
N ASP A 429 -27.59 16.30 -16.26
CA ASP A 429 -27.04 15.00 -16.55
C ASP A 429 -27.38 13.99 -15.47
N PHE A 430 -27.34 14.41 -14.21
CA PHE A 430 -27.68 13.49 -13.12
C PHE A 430 -29.18 13.22 -13.08
N ARG A 431 -30.01 14.20 -13.43
CA ARG A 431 -31.44 13.94 -13.54
C ARG A 431 -31.72 12.87 -14.58
N ARG A 432 -30.92 12.84 -15.65
CA ARG A 432 -31.04 11.75 -16.63
C ARG A 432 -30.52 10.43 -16.05
N VAL A 433 -29.46 10.49 -15.24
CA VAL A 433 -28.97 9.29 -14.57
C VAL A 433 -30.07 8.68 -13.70
N VAL A 434 -30.79 9.52 -12.96
CA VAL A 434 -31.91 9.05 -12.16
C VAL A 434 -32.98 8.41 -13.04
N ASP A 435 -33.15 8.91 -14.28
CA ASP A 435 -34.09 8.29 -15.19
C ASP A 435 -33.67 6.87 -15.53
N PHE A 436 -32.40 6.69 -15.92
CA PHE A 436 -31.90 5.34 -16.19
C PHE A 436 -32.05 4.44 -14.99
N ILE A 437 -31.85 4.98 -13.78
CA ILE A 437 -32.00 4.17 -12.59
C ILE A 437 -33.44 3.73 -12.40
N ASP A 438 -34.39 4.67 -12.58
CA ASP A 438 -35.80 4.32 -12.43
C ASP A 438 -36.22 3.25 -13.44
N GLU A 439 -35.69 3.32 -14.66
CA GLU A 439 -35.91 2.24 -15.62
C GLU A 439 -35.36 0.93 -15.11
N GLY A 440 -34.15 0.97 -14.53
CA GLY A 440 -33.56 -0.25 -13.99
C GLY A 440 -34.35 -0.81 -12.83
N VAL A 441 -34.81 0.06 -11.92
CA VAL A 441 -35.61 -0.40 -10.80
C VAL A 441 -36.91 -1.04 -11.29
N ASN A 442 -37.54 -0.41 -12.30
CA ASN A 442 -38.78 -0.95 -12.84
C ASN A 442 -38.57 -2.36 -13.40
N ILE A 443 -37.43 -2.58 -14.08
CA ILE A 443 -37.12 -3.91 -14.58
C ILE A 443 -36.95 -4.89 -13.43
N GLY A 444 -36.31 -4.43 -12.35
CA GLY A 444 -36.14 -5.30 -11.20
C GLY A 444 -37.46 -5.66 -10.53
N LEU A 445 -38.40 -4.71 -10.49
CA LEU A 445 -39.71 -4.99 -9.89
C LEU A 445 -40.43 -6.09 -10.66
N GLU A 446 -40.40 -6.03 -12.00
CA GLU A 446 -41.08 -7.04 -12.79
C GLU A 446 -40.44 -8.42 -12.62
N VAL A 447 -39.11 -8.48 -12.57
CA VAL A 447 -38.44 -9.76 -12.36
C VAL A 447 -38.74 -10.31 -10.97
N LYS A 448 -38.94 -9.43 -9.99
CA LYS A 448 -39.20 -9.88 -8.62
C LYS A 448 -40.49 -10.68 -8.53
N SER A 449 -41.53 -10.24 -9.25
CA SER A 449 -42.78 -11.00 -9.27
C SER A 449 -42.65 -12.28 -10.08
N LYS A 450 -41.72 -12.33 -11.03
CA LYS A 450 -41.49 -13.53 -11.83
C LYS A 450 -40.54 -14.51 -11.16
N THR A 451 -40.04 -14.21 -9.96
CA THR A 451 -39.03 -15.04 -9.31
C THR A 451 -39.31 -15.14 -7.82
N ALA A 452 -38.70 -16.13 -7.19
CA ALA A 452 -38.90 -16.38 -5.77
C ALA A 452 -37.73 -15.85 -4.94
N LYS A 453 -36.61 -16.60 -4.93
CA LYS A 453 -35.44 -16.23 -4.16
C LYS A 453 -34.49 -15.37 -4.99
N LEU A 454 -33.47 -14.85 -4.31
CA LEU A 454 -32.53 -13.93 -4.94
C LEU A 454 -31.79 -14.61 -6.08
N GLN A 455 -31.36 -15.86 -5.88
CA GLN A 455 -30.67 -16.58 -6.95
C GLN A 455 -31.59 -16.81 -8.16
N ASP A 456 -32.89 -17.01 -7.92
CA ASP A 456 -33.83 -17.05 -9.03
C ASP A 456 -33.88 -15.70 -9.75
N PHE A 457 -33.78 -14.61 -8.99
CA PHE A 457 -33.77 -13.28 -9.58
C PHE A 457 -32.54 -13.09 -10.46
N LYS A 458 -31.35 -13.41 -9.95
CA LYS A 458 -30.13 -13.21 -10.72
C LYS A 458 -30.09 -14.12 -11.94
N SER A 459 -30.52 -15.38 -11.79
CA SER A 459 -30.52 -16.30 -12.91
C SER A 459 -31.50 -15.86 -13.99
N PHE A 460 -32.58 -15.18 -13.59
CA PHE A 460 -33.60 -14.75 -14.55
C PHE A 460 -33.08 -13.64 -15.46
N LEU A 461 -32.23 -12.74 -14.95
CA LEU A 461 -31.71 -11.63 -15.73
C LEU A 461 -30.81 -12.08 -16.89
N LEU A 462 -30.38 -13.34 -16.89
CA LEU A 462 -29.49 -13.85 -17.93
C LEU A 462 -30.18 -14.79 -18.89
N LYS A 463 -31.06 -15.67 -18.41
CA LYS A 463 -31.63 -16.70 -19.26
C LYS A 463 -32.93 -16.27 -19.94
N ASP A 464 -33.79 -15.54 -19.22
CA ASP A 464 -35.06 -15.10 -19.79
C ASP A 464 -34.81 -14.17 -20.97
N SER A 465 -35.52 -14.42 -22.08
CA SER A 465 -35.22 -13.74 -23.33
C SER A 465 -35.65 -12.28 -23.30
N GLU A 466 -36.90 -12.02 -22.88
CA GLU A 466 -37.39 -10.65 -22.93
C GLU A 466 -36.70 -9.78 -21.88
N THR A 467 -36.43 -10.33 -20.69
CA THR A 467 -35.68 -9.58 -19.69
C THR A 467 -34.28 -9.26 -20.20
N SER A 468 -33.62 -10.25 -20.79
CA SER A 468 -32.30 -10.03 -21.39
C SER A 468 -32.34 -8.92 -22.43
N GLN A 469 -33.44 -8.84 -23.19
CA GLN A 469 -33.53 -7.85 -24.26
C GLN A 469 -33.66 -6.44 -23.70
N ARG A 470 -34.64 -6.22 -22.82
CA ARG A 470 -34.83 -4.88 -22.27
C ARG A 470 -33.61 -4.41 -21.51
N LEU A 471 -32.87 -5.33 -20.88
CA LEU A 471 -31.61 -4.97 -20.25
C LEU A 471 -30.59 -4.49 -21.28
N ALA A 472 -30.48 -5.20 -22.40
CA ALA A 472 -29.55 -4.80 -23.44
C ALA A 472 -29.94 -3.44 -24.05
N ASN A 473 -31.24 -3.18 -24.15
CA ASN A 473 -31.70 -1.89 -24.65
C ASN A 473 -31.36 -0.76 -23.68
N LEU A 474 -31.55 -1.00 -22.38
CA LEU A 474 -31.20 0.01 -21.39
C LEU A 474 -29.69 0.17 -21.27
N ARG A 475 -28.96 -0.95 -21.31
CA ARG A 475 -27.50 -0.87 -21.23
C ARG A 475 -26.92 -0.08 -22.38
N GLN A 476 -27.43 -0.30 -23.60
CA GLN A 476 -26.91 0.39 -24.77
C GLN A 476 -27.18 1.89 -24.67
N ARG A 477 -28.37 2.28 -24.19
CA ARG A 477 -28.68 3.69 -24.04
C ARG A 477 -27.83 4.32 -22.94
N VAL A 478 -27.53 3.56 -21.89
CA VAL A 478 -26.68 4.07 -20.82
C VAL A 478 -25.26 4.33 -21.34
N GLU A 479 -24.72 3.38 -22.09
CA GLU A 479 -23.34 3.50 -22.55
C GLU A 479 -23.19 4.57 -23.63
N GLN A 480 -24.17 4.68 -24.54
CA GLN A 480 -24.15 5.76 -25.52
C GLN A 480 -24.15 7.12 -24.82
N PHE A 481 -24.97 7.26 -23.78
CA PHE A 481 -25.01 8.51 -23.01
C PHE A 481 -23.70 8.75 -22.28
N ALA A 482 -23.06 7.68 -21.79
CA ALA A 482 -21.88 7.84 -20.97
C ALA A 482 -20.62 8.11 -21.80
N ARG A 483 -20.46 7.43 -22.94
CA ARG A 483 -19.24 7.58 -23.73
C ARG A 483 -19.01 9.01 -24.21
N ALA A 484 -20.08 9.81 -24.35
CA ALA A 484 -19.91 11.16 -24.88
C ALA A 484 -19.15 12.08 -23.93
N PHE A 485 -19.20 11.79 -22.64
CA PHE A 485 -18.53 12.62 -21.66
C PHE A 485 -17.03 12.33 -21.64
N PRO A 486 -16.21 13.36 -21.39
CA PRO A 486 -14.76 13.14 -21.32
C PRO A 486 -14.37 12.37 -20.07
N MET A 487 -13.17 11.82 -20.09
CA MET A 487 -12.69 10.92 -19.04
C MET A 487 -11.28 11.31 -18.65
N PRO A 488 -11.03 11.68 -17.39
CA PRO A 488 -9.65 11.95 -16.95
C PRO A 488 -8.76 10.73 -17.14
N GLY A 489 -7.47 11.00 -17.28
CA GLY A 489 -6.48 9.96 -17.41
C GLY A 489 -5.95 9.84 -18.83
N PHE A 490 -5.36 8.68 -19.11
CA PHE A 490 -4.87 8.41 -20.45
C PHE A 490 -6.04 8.06 -21.37
N ASP A 491 -5.79 8.10 -22.67
CA ASP A 491 -6.85 7.80 -23.64
C ASP A 491 -7.00 6.32 -23.88
N GLU A 492 -5.91 5.56 -23.74
CA GLU A 492 -5.85 4.17 -24.13
C GLU A 492 -5.87 3.19 -22.96
N HIS A 493 -5.52 3.63 -21.77
CA HIS A 493 -5.38 2.75 -20.61
C HIS A 493 -5.48 3.51 -19.30
N TRP B 32 -11.39 21.97 -17.48
CA TRP B 32 -10.48 20.98 -16.92
C TRP B 32 -10.92 19.57 -17.29
N THR B 33 -10.06 18.86 -18.01
CA THR B 33 -10.36 17.50 -18.48
C THR B 33 -9.71 16.42 -17.64
N GLY B 34 -8.60 16.72 -16.97
CA GLY B 34 -7.84 15.69 -16.32
C GLY B 34 -6.97 14.86 -17.25
N GLN B 35 -6.87 15.25 -18.52
CA GLN B 35 -6.00 14.58 -19.47
C GLN B 35 -4.77 15.41 -19.80
N GLU B 36 -4.58 16.54 -19.13
CA GLU B 36 -3.38 17.34 -19.33
C GLU B 36 -2.14 16.57 -18.89
N SER B 37 -1.05 16.75 -19.60
CA SER B 37 0.19 16.07 -19.26
C SER B 37 0.78 16.63 -17.97
N LEU B 38 1.55 15.77 -17.27
CA LEU B 38 2.21 16.22 -16.04
C LEU B 38 3.22 17.32 -16.32
N SER B 39 3.87 17.31 -17.49
CA SER B 39 4.80 18.37 -17.83
C SER B 39 4.10 19.73 -17.90
N ASP B 40 2.90 19.76 -18.47
CA ASP B 40 2.14 21.00 -18.55
C ASP B 40 1.38 21.30 -17.25
N SER B 41 0.94 20.25 -16.55
CA SER B 41 0.06 20.44 -15.40
C SER B 41 0.84 20.86 -14.15
N ASP B 42 1.96 20.19 -13.87
CA ASP B 42 2.73 20.44 -12.66
C ASP B 42 4.21 20.46 -13.02
N PRO B 43 4.72 21.61 -13.48
CA PRO B 43 6.15 21.68 -13.82
C PRO B 43 7.07 21.41 -12.65
N GLU B 44 6.78 21.96 -11.47
CA GLU B 44 7.65 21.74 -10.31
C GLU B 44 7.76 20.25 -9.98
N MET B 45 6.64 19.54 -10.03
CA MET B 45 6.69 18.09 -9.87
C MET B 45 7.54 17.47 -10.97
N TRP B 46 7.17 17.75 -12.23
CA TRP B 46 7.85 17.15 -13.38
C TRP B 46 9.37 17.27 -13.28
N GLU B 47 9.86 18.44 -12.83
CA GLU B 47 11.29 18.62 -12.65
C GLU B 47 11.85 17.62 -11.64
N LEU B 48 11.08 17.31 -10.59
CA LEU B 48 11.56 16.38 -9.58
C LEU B 48 11.59 14.95 -10.10
N LEU B 49 10.60 14.56 -10.92
CA LEU B 49 10.64 13.24 -11.52
C LEU B 49 11.85 13.10 -12.44
N GLN B 50 12.21 14.17 -13.14
CA GLN B 50 13.37 14.12 -14.02
C GLN B 50 14.66 14.09 -13.22
N ARG B 51 14.76 14.92 -12.19
CA ARG B 51 15.96 14.92 -11.36
C ARG B 51 16.18 13.56 -10.70
N GLU B 52 15.09 12.90 -10.29
CA GLU B 52 15.23 11.57 -9.71
C GLU B 52 15.59 10.54 -10.78
N LYS B 53 15.03 10.68 -11.99
CA LYS B 53 15.43 9.82 -13.09
C LYS B 53 16.89 10.01 -13.42
N ASP B 54 17.38 11.26 -13.38
CA ASP B 54 18.79 11.52 -13.67
C ASP B 54 19.70 10.89 -12.62
N ARG B 55 19.40 11.10 -11.34
CA ARG B 55 20.23 10.54 -10.26
C ARG B 55 20.20 9.02 -10.29
N GLN B 56 19.06 8.44 -10.65
CA GLN B 56 19.00 7.00 -10.89
C GLN B 56 19.92 6.59 -12.03
N CYS B 57 19.88 7.35 -13.13
CA CYS B 57 20.70 7.01 -14.29
C CYS B 57 22.18 7.23 -14.01
N ARG B 58 22.51 8.37 -13.41
CA ARG B 58 23.92 8.74 -13.22
C ARG B 58 24.60 7.93 -12.13
N GLY B 59 23.85 7.27 -11.26
CA GLY B 59 24.41 6.63 -10.09
C GLY B 59 24.60 5.13 -10.26
N LEU B 60 25.35 4.56 -9.31
CA LEU B 60 25.55 3.13 -9.22
C LEU B 60 24.77 2.62 -8.01
N GLU B 61 23.55 2.15 -8.26
CA GLU B 61 22.67 1.67 -7.20
C GLU B 61 23.15 0.31 -6.72
N LEU B 62 23.63 0.25 -5.47
CA LEU B 62 24.13 -0.99 -4.89
C LEU B 62 23.33 -1.42 -3.67
N ILE B 63 22.24 -0.73 -3.33
CA ILE B 63 21.36 -1.21 -2.27
C ILE B 63 20.72 -2.52 -2.70
N ALA B 64 20.81 -3.53 -1.85
CA ALA B 64 20.43 -4.89 -2.26
C ALA B 64 18.95 -4.99 -2.58
N SER B 65 18.11 -4.17 -1.94
CA SER B 65 16.67 -4.24 -2.13
C SER B 65 16.18 -3.41 -3.32
N GLU B 66 17.05 -2.59 -3.92
CA GLU B 66 16.62 -1.77 -5.05
C GLU B 66 16.57 -2.59 -6.32
N ASN B 67 15.90 -2.03 -7.32
CA ASN B 67 15.83 -2.57 -8.67
C ASN B 67 15.15 -1.52 -9.54
N PHE B 68 15.23 -1.72 -10.85
CA PHE B 68 14.69 -0.78 -11.82
C PHE B 68 13.58 -1.47 -12.59
N CYS B 69 12.37 -0.92 -12.49
CA CYS B 69 11.18 -1.57 -13.02
C CYS B 69 11.05 -1.36 -14.52
N SER B 70 10.41 -2.32 -15.18
CA SER B 70 10.22 -2.27 -16.63
C SER B 70 9.15 -1.25 -17.00
N ARG B 71 9.30 -0.69 -18.21
CA ARG B 71 8.30 0.25 -18.72
C ARG B 71 6.93 -0.39 -18.81
N ALA B 72 6.87 -1.68 -19.12
CA ALA B 72 5.59 -2.37 -19.19
C ALA B 72 4.87 -2.34 -17.85
N ALA B 73 5.58 -2.61 -16.76
CA ALA B 73 4.94 -2.61 -15.45
C ALA B 73 4.54 -1.20 -15.03
N LEU B 74 5.42 -0.22 -15.23
CA LEU B 74 5.05 1.16 -14.89
C LEU B 74 3.90 1.67 -15.74
N GLU B 75 3.71 1.12 -16.94
CA GLU B 75 2.53 1.47 -17.73
C GLU B 75 1.26 1.00 -17.04
N ALA B 76 1.29 -0.20 -16.46
CA ALA B 76 0.13 -0.73 -15.74
C ALA B 76 0.01 -0.11 -14.36
N LEU B 77 1.13 0.28 -13.75
CA LEU B 77 1.08 0.90 -12.43
C LEU B 77 0.36 2.23 -12.48
N GLY B 78 0.58 3.02 -13.53
CA GLY B 78 -0.10 4.29 -13.69
C GLY B 78 -1.25 4.20 -14.67
N SER B 79 -2.08 3.17 -14.54
CA SER B 79 -3.21 2.95 -15.43
C SER B 79 -4.52 3.35 -14.76
N CYS B 80 -5.58 3.33 -15.55
CA CYS B 80 -6.93 3.57 -15.06
C CYS B 80 -7.36 2.54 -14.02
N LEU B 81 -6.56 1.49 -13.79
CA LEU B 81 -6.92 0.51 -12.78
C LEU B 81 -6.91 1.10 -11.37
N ASN B 82 -6.28 2.26 -11.18
CA ASN B 82 -6.35 2.96 -9.91
C ASN B 82 -7.78 3.43 -9.58
N ASN B 83 -8.66 3.47 -10.57
CA ASN B 83 -9.99 4.04 -10.42
C ASN B 83 -11.07 2.99 -10.18
N LYS B 84 -10.72 1.81 -9.68
CA LYS B 84 -11.70 0.76 -9.41
C LYS B 84 -11.57 0.28 -7.97
N TYR B 85 -12.65 0.40 -7.21
CA TYR B 85 -12.76 -0.21 -5.90
C TYR B 85 -13.26 -1.64 -6.05
N SER B 86 -12.43 -2.60 -5.66
CA SER B 86 -12.78 -4.01 -5.80
C SER B 86 -12.56 -4.74 -4.49
N GLU B 87 -13.11 -4.18 -3.41
CA GLU B 87 -13.04 -4.83 -2.11
C GLU B 87 -13.62 -6.24 -2.19
N GLY B 88 -12.94 -7.19 -1.56
CA GLY B 88 -13.35 -8.57 -1.65
C GLY B 88 -12.41 -9.39 -2.52
N TYR B 89 -12.94 -10.42 -3.17
CA TYR B 89 -12.12 -11.32 -3.97
C TYR B 89 -12.88 -11.73 -5.22
N PRO B 90 -12.18 -12.12 -6.29
CA PRO B 90 -12.87 -12.48 -7.54
C PRO B 90 -13.98 -13.49 -7.31
N GLY B 91 -15.17 -13.18 -7.81
CA GLY B 91 -16.35 -13.96 -7.56
C GLY B 91 -17.07 -13.65 -6.27
N LYS B 92 -16.40 -13.00 -5.31
CA LYS B 92 -16.99 -12.69 -4.01
C LYS B 92 -16.62 -11.24 -3.62
N ARG B 93 -17.03 -10.30 -4.45
CA ARG B 93 -16.76 -8.88 -4.23
C ARG B 93 -18.01 -8.18 -3.72
N PHE B 94 -17.81 -6.95 -3.26
CA PHE B 94 -18.87 -6.20 -2.60
C PHE B 94 -19.53 -5.18 -3.51
N TYR B 95 -18.79 -4.58 -4.42
CA TYR B 95 -19.35 -3.76 -5.47
C TYR B 95 -19.46 -4.59 -6.75
N GLY B 96 -20.24 -4.06 -7.70
CA GLY B 96 -20.35 -4.64 -9.01
C GLY B 96 -19.38 -4.00 -9.99
N GLY B 97 -19.54 -4.35 -11.26
CA GLY B 97 -18.68 -3.82 -12.30
C GLY B 97 -17.22 -4.18 -12.16
N ALA B 98 -16.91 -5.29 -11.48
CA ALA B 98 -15.54 -5.73 -11.29
C ALA B 98 -15.14 -6.85 -12.24
N GLU B 99 -15.84 -6.98 -13.38
CA GLU B 99 -15.61 -8.12 -14.26
C GLU B 99 -14.19 -8.14 -14.81
N VAL B 100 -13.66 -6.98 -15.19
CA VAL B 100 -12.31 -6.95 -15.76
C VAL B 100 -11.26 -7.13 -14.68
N VAL B 101 -11.42 -6.45 -13.54
CA VAL B 101 -10.42 -6.58 -12.47
C VAL B 101 -10.45 -7.97 -11.86
N ASP B 102 -11.58 -8.68 -11.96
CA ASP B 102 -11.61 -10.07 -11.52
C ASP B 102 -10.64 -10.93 -12.32
N GLU B 103 -10.58 -10.71 -13.64
CA GLU B 103 -9.65 -11.47 -14.47
C GLU B 103 -8.21 -11.02 -14.26
N ILE B 104 -8.01 -9.73 -13.96
CA ILE B 104 -6.65 -9.24 -13.73
C ILE B 104 -6.09 -9.83 -12.43
N GLU B 105 -6.93 -9.93 -11.40
CA GLU B 105 -6.47 -10.55 -10.17
C GLU B 105 -6.23 -12.05 -10.38
N LEU B 106 -7.17 -12.73 -11.02
CA LEU B 106 -7.01 -14.15 -11.29
C LEU B 106 -5.79 -14.42 -12.16
N LEU B 107 -5.53 -13.56 -13.16
CA LEU B 107 -4.31 -13.70 -13.95
C LEU B 107 -3.09 -13.54 -13.06
N CYS B 108 -3.08 -12.51 -12.21
CA CYS B 108 -1.95 -12.30 -11.31
C CYS B 108 -1.74 -13.49 -10.38
N GLN B 109 -2.83 -14.20 -10.03
CA GLN B 109 -2.69 -15.39 -9.20
C GLN B 109 -2.05 -16.52 -9.97
N ARG B 110 -2.54 -16.79 -11.19
CA ARG B 110 -1.98 -17.88 -11.99
C ARG B 110 -0.54 -17.60 -12.37
N ARG B 111 -0.24 -16.36 -12.78
CA ARG B 111 1.13 -15.99 -13.09
C ARG B 111 2.04 -16.09 -11.86
N ALA B 112 1.48 -15.91 -10.67
CA ALA B 112 2.29 -16.03 -9.46
C ALA B 112 2.63 -17.48 -9.15
N LEU B 113 1.69 -18.38 -9.36
CA LEU B 113 1.96 -19.80 -9.14
C LEU B 113 2.89 -20.36 -10.21
N GLU B 114 2.68 -19.95 -11.47
CA GLU B 114 3.54 -20.45 -12.54
C GLU B 114 4.97 -19.93 -12.38
N ALA B 115 5.13 -18.68 -11.96
CA ALA B 115 6.47 -18.12 -11.81
C ALA B 115 7.28 -18.87 -10.78
N PHE B 116 6.64 -19.56 -9.84
CA PHE B 116 7.33 -20.29 -8.79
C PHE B 116 7.10 -21.79 -8.88
N ASP B 117 6.64 -22.26 -10.04
CA ASP B 117 6.48 -23.68 -10.34
C ASP B 117 5.70 -24.40 -9.24
N LEU B 118 4.48 -23.90 -9.01
CA LEU B 118 3.59 -24.45 -7.99
C LEU B 118 2.36 -25.03 -8.65
N ASP B 119 1.93 -26.19 -8.17
CA ASP B 119 0.67 -26.78 -8.61
C ASP B 119 -0.48 -25.99 -8.02
N PRO B 120 -1.42 -25.48 -8.84
CA PRO B 120 -2.60 -24.80 -8.29
C PRO B 120 -3.49 -25.70 -7.42
N ALA B 121 -3.13 -26.98 -7.29
CA ALA B 121 -3.82 -27.87 -6.38
C ALA B 121 -3.18 -27.91 -5.00
N GLN B 122 -1.89 -27.60 -4.91
CA GLN B 122 -1.18 -27.57 -3.64
C GLN B 122 -0.90 -26.17 -3.13
N TRP B 123 -1.18 -25.13 -3.92
CA TRP B 123 -0.82 -23.77 -3.54
C TRP B 123 -1.87 -22.79 -4.04
N GLY B 124 -2.22 -21.83 -3.18
CA GLY B 124 -2.93 -20.63 -3.58
C GLY B 124 -2.07 -19.42 -3.28
N VAL B 125 -2.49 -18.27 -3.79
CA VAL B 125 -1.74 -17.04 -3.57
C VAL B 125 -2.70 -15.86 -3.46
N ASN B 126 -2.43 -14.98 -2.50
CA ASN B 126 -3.12 -13.72 -2.34
C ASN B 126 -2.22 -12.62 -2.89
N VAL B 127 -2.72 -11.88 -3.88
CA VAL B 127 -1.92 -10.86 -4.57
C VAL B 127 -2.28 -9.45 -4.13
N GLN B 128 -3.05 -9.31 -3.05
CA GLN B 128 -3.55 -8.01 -2.62
C GLN B 128 -2.70 -7.26 -1.58
N PRO B 129 -1.75 -7.88 -0.86
CA PRO B 129 -0.94 -7.11 0.07
C PRO B 129 -0.31 -5.88 -0.57
N TYR B 130 -0.42 -4.74 0.12
CA TYR B 130 0.06 -3.48 -0.44
C TYR B 130 1.59 -3.47 -0.59
N SER B 131 2.30 -4.21 0.26
CA SER B 131 3.76 -4.20 0.23
C SER B 131 4.26 -5.42 1.00
N GLY B 132 5.56 -5.45 1.28
CA GLY B 132 6.12 -6.60 1.98
C GLY B 132 5.71 -6.65 3.43
N SER B 133 5.81 -5.53 4.14
CA SER B 133 5.37 -5.48 5.53
C SER B 133 3.90 -5.86 5.69
N PRO B 134 2.95 -5.33 4.90
CA PRO B 134 1.55 -5.77 5.07
C PRO B 134 1.35 -7.25 4.84
N ALA B 135 2.07 -7.84 3.90
CA ALA B 135 1.94 -9.28 3.65
C ALA B 135 2.28 -10.09 4.89
N ASN B 136 3.33 -9.69 5.61
CA ASN B 136 3.70 -10.41 6.83
C ASN B 136 2.66 -10.21 7.93
N LEU B 137 2.25 -8.96 8.17
CA LEU B 137 1.26 -8.70 9.21
C LEU B 137 -0.03 -9.48 8.95
N ALA B 138 -0.39 -9.64 7.67
CA ALA B 138 -1.59 -10.42 7.35
C ALA B 138 -1.42 -11.88 7.74
N VAL B 139 -0.21 -12.43 7.54
CA VAL B 139 0.02 -13.83 7.88
C VAL B 139 -0.07 -14.05 9.38
N TYR B 140 0.53 -13.15 10.17
CA TYR B 140 0.43 -13.25 11.62
C TYR B 140 -1.01 -13.16 12.07
N THR B 141 -1.74 -12.16 11.54
CA THR B 141 -3.15 -12.02 11.88
C THR B 141 -3.95 -13.26 11.49
N ALA B 142 -3.68 -13.80 10.31
CA ALA B 142 -4.47 -14.91 9.79
C ALA B 142 -4.32 -16.16 10.66
N LEU B 143 -3.10 -16.44 11.12
CA LEU B 143 -2.79 -17.72 11.75
C LEU B 143 -2.59 -17.64 13.26
N LEU B 144 -2.34 -16.46 13.82
CA LEU B 144 -2.09 -16.34 15.24
C LEU B 144 -3.15 -15.50 15.93
N GLN B 145 -3.23 -15.68 17.23
CA GLN B 145 -3.93 -14.78 18.14
C GLN B 145 -2.98 -13.71 18.61
N PRO B 146 -3.50 -12.56 19.03
CA PRO B 146 -2.63 -11.52 19.61
C PRO B 146 -1.81 -12.09 20.77
N HIS B 147 -0.53 -11.72 20.79
CA HIS B 147 0.47 -12.12 21.78
C HIS B 147 0.93 -13.56 21.62
N ASP B 148 0.53 -14.25 20.54
CA ASP B 148 1.13 -15.53 20.23
C ASP B 148 2.61 -15.34 19.89
N ARG B 149 3.38 -16.41 20.05
CA ARG B 149 4.83 -16.31 20.03
C ARG B 149 5.38 -16.48 18.62
N ILE B 150 6.42 -15.69 18.32
CA ILE B 150 7.01 -15.59 16.99
C ILE B 150 8.53 -15.55 17.12
N MET B 151 9.23 -16.22 16.21
CA MET B 151 10.69 -16.21 16.18
C MET B 151 11.17 -15.83 14.79
N GLY B 152 11.98 -14.77 14.70
CA GLY B 152 12.63 -14.41 13.46
C GLY B 152 14.09 -14.08 13.71
N LEU B 153 14.84 -14.02 12.61
CA LEU B 153 16.24 -13.62 12.71
C LEU B 153 16.31 -12.21 13.30
N ASP B 154 17.21 -12.02 14.26
CA ASP B 154 17.37 -10.71 14.88
C ASP B 154 17.73 -9.66 13.84
N LEU B 155 17.26 -8.44 14.05
CA LEU B 155 17.47 -7.37 13.07
C LEU B 155 18.93 -7.08 12.82
N PRO B 156 19.78 -6.82 13.82
CA PRO B 156 21.20 -6.56 13.52
C PRO B 156 21.92 -7.77 12.96
N ASP B 157 21.37 -8.96 13.11
CA ASP B 157 21.94 -10.16 12.52
C ASP B 157 21.47 -10.39 11.08
N GLY B 158 20.72 -9.45 10.50
CA GLY B 158 20.28 -9.56 9.13
C GLY B 158 18.79 -9.76 8.93
N GLY B 159 18.01 -9.83 10.00
CA GLY B 159 16.57 -9.97 9.86
C GLY B 159 15.90 -8.66 9.48
N HIS B 160 14.61 -8.74 9.18
CA HIS B 160 13.82 -7.57 8.86
C HIS B 160 12.98 -7.14 10.07
N LEU B 161 12.60 -5.87 10.09
CA LEU B 161 11.80 -5.36 11.19
C LEU B 161 10.53 -6.17 11.37
N THR B 162 9.85 -6.50 10.27
CA THR B 162 8.57 -7.19 10.32
C THR B 162 8.66 -8.58 10.93
N HIS B 163 9.86 -9.08 11.19
CA HIS B 163 10.03 -10.38 11.83
C HIS B 163 10.02 -10.31 13.35
N GLY B 164 9.78 -9.13 13.92
CA GLY B 164 9.78 -8.98 15.36
C GLY B 164 11.08 -8.39 15.87
N TYR B 165 11.06 -7.11 16.20
CA TYR B 165 12.27 -6.43 16.69
C TYR B 165 11.90 -5.53 17.87
N MET B 166 12.09 -6.04 19.08
CA MET B 166 12.08 -5.22 20.28
C MET B 166 13.52 -4.88 20.67
N SER B 167 13.76 -3.63 21.03
CA SER B 167 15.06 -3.27 21.59
C SER B 167 15.10 -3.66 23.06
N ASP B 168 15.76 -2.84 23.88
CA ASP B 168 15.76 -3.04 25.32
C ASP B 168 14.90 -2.03 26.05
N VAL B 169 14.35 -1.04 25.35
CA VAL B 169 13.56 0.01 25.98
C VAL B 169 12.21 0.16 25.29
N LYS B 170 12.08 -0.41 24.09
CA LYS B 170 10.90 -0.12 23.27
C LYS B 170 10.59 -1.29 22.34
N ARG B 171 9.32 -1.63 22.24
CA ARG B 171 8.82 -2.48 21.17
C ARG B 171 8.75 -1.63 19.91
N ILE B 172 9.60 -1.96 18.93
CA ILE B 172 9.74 -1.09 17.76
C ILE B 172 8.82 -1.56 16.65
N SER B 173 8.98 -2.81 16.21
CA SER B 173 8.12 -3.32 15.15
C SER B 173 6.73 -3.61 15.68
N ALA B 174 5.73 -3.34 14.83
CA ALA B 174 4.36 -3.70 15.17
C ALA B 174 4.20 -5.20 15.39
N THR B 175 5.08 -6.00 14.79
CA THR B 175 5.10 -7.43 15.07
C THR B 175 5.36 -7.70 16.55
N SER B 176 6.14 -6.83 17.20
CA SER B 176 6.48 -7.00 18.61
C SER B 176 5.39 -6.51 19.55
N ILE B 177 4.49 -5.66 19.09
CA ILE B 177 3.43 -5.12 19.93
C ILE B 177 2.23 -6.06 19.97
N PHE B 178 1.72 -6.44 18.80
CA PHE B 178 0.56 -7.32 18.72
C PHE B 178 0.92 -8.79 18.85
N PHE B 179 2.21 -9.12 18.86
CA PHE B 179 2.67 -10.50 19.05
C PHE B 179 3.95 -10.48 19.86
N GLU B 180 4.24 -11.59 20.52
CA GLU B 180 5.41 -11.72 21.37
C GLU B 180 6.51 -12.41 20.57
N SER B 181 7.58 -11.69 20.29
CA SER B 181 8.64 -12.16 19.40
C SER B 181 9.95 -12.31 20.16
N MET B 182 10.60 -13.46 20.00
CA MET B 182 11.94 -13.68 20.48
C MET B 182 12.85 -14.00 19.30
N PRO B 183 13.98 -13.32 19.16
CA PRO B 183 14.85 -13.54 18.00
C PRO B 183 15.84 -14.67 18.21
N TYR B 184 16.14 -15.36 17.11
CA TYR B 184 17.30 -16.25 17.06
C TYR B 184 18.46 -15.52 16.38
N LYS B 185 19.67 -15.92 16.72
CA LYS B 185 20.85 -15.14 16.38
C LYS B 185 21.74 -15.87 15.38
N LEU B 186 22.71 -15.13 14.85
CA LEU B 186 23.79 -15.72 14.08
C LEU B 186 24.85 -16.29 15.00
N ASN B 187 25.57 -17.28 14.51
CA ASN B 187 26.80 -17.72 15.16
C ASN B 187 27.87 -16.69 14.87
N PRO B 188 28.39 -15.97 15.87
CA PRO B 188 29.37 -14.91 15.58
C PRO B 188 30.66 -15.43 14.98
N LYS B 189 30.98 -16.72 15.16
CA LYS B 189 32.22 -17.27 14.62
C LYS B 189 32.12 -17.55 13.12
N THR B 190 30.92 -17.83 12.62
CA THR B 190 30.75 -18.23 11.22
C THR B 190 30.01 -17.20 10.37
N GLY B 191 29.24 -16.31 10.97
CA GLY B 191 28.38 -15.41 10.22
C GLY B 191 27.11 -16.05 9.70
N LEU B 192 26.90 -17.34 9.97
CA LEU B 192 25.73 -18.08 9.51
C LEU B 192 24.66 -18.11 10.59
N ILE B 193 23.45 -18.48 10.19
CA ILE B 193 22.35 -18.66 11.14
C ILE B 193 22.69 -19.81 12.06
N ASP B 194 22.68 -19.56 13.37
CA ASP B 194 22.93 -20.61 14.36
C ASP B 194 21.68 -21.47 14.45
N TYR B 195 21.59 -22.45 13.53
CA TYR B 195 20.44 -23.36 13.53
C TYR B 195 20.39 -24.22 14.77
N ASN B 196 21.52 -24.43 15.46
CA ASN B 196 21.52 -25.24 16.66
C ASN B 196 20.91 -24.48 17.83
N GLN B 197 21.36 -23.23 18.05
CA GLN B 197 20.76 -22.40 19.10
C GLN B 197 19.27 -22.19 18.85
N LEU B 198 18.87 -22.07 17.59
CA LEU B 198 17.45 -21.89 17.29
C LEU B 198 16.62 -23.09 17.75
N ALA B 199 17.12 -24.30 17.50
CA ALA B 199 16.42 -25.49 17.97
C ALA B 199 16.36 -25.54 19.50
N LEU B 200 17.43 -25.11 20.16
CA LEU B 200 17.44 -25.08 21.61
C LEU B 200 16.43 -24.08 22.16
N THR B 201 16.48 -22.83 21.65
CA THR B 201 15.61 -21.79 22.16
C THR B 201 14.17 -21.92 21.68
N ALA B 202 13.91 -22.72 20.65
CA ALA B 202 12.53 -22.95 20.24
C ALA B 202 11.82 -23.95 21.15
N ARG B 203 12.55 -24.94 21.67
CA ARG B 203 11.93 -25.88 22.60
C ARG B 203 11.48 -25.18 23.87
N LEU B 204 12.15 -24.09 24.25
CA LEU B 204 11.84 -23.35 25.47
C LEU B 204 10.81 -22.26 25.22
N PHE B 205 11.01 -21.46 24.17
CA PHE B 205 10.11 -20.36 23.86
C PHE B 205 8.76 -20.85 23.33
N ARG B 206 8.69 -22.08 22.82
CA ARG B 206 7.48 -22.65 22.26
C ARG B 206 6.77 -21.69 21.30
N PRO B 207 7.43 -21.30 20.21
CA PRO B 207 6.80 -20.36 19.28
C PRO B 207 5.71 -21.02 18.45
N ARG B 208 4.81 -20.18 17.94
CA ARG B 208 3.76 -20.63 17.05
C ARG B 208 4.15 -20.49 15.58
N LEU B 209 5.10 -19.61 15.27
CA LEU B 209 5.52 -19.38 13.89
C LEU B 209 6.97 -18.91 13.88
N ILE B 210 7.77 -19.51 13.00
CA ILE B 210 9.16 -19.13 12.80
C ILE B 210 9.31 -18.62 11.37
N ILE B 211 10.03 -17.52 11.20
CA ILE B 211 10.21 -16.87 9.91
C ILE B 211 11.59 -17.19 9.38
N ALA B 212 11.66 -17.85 8.23
CA ALA B 212 12.90 -18.10 7.52
C ALA B 212 13.00 -17.06 6.41
N GLY B 213 13.64 -15.94 6.71
CA GLY B 213 13.81 -14.88 5.73
C GLY B 213 14.81 -13.84 6.21
N THR B 214 15.49 -13.18 5.28
CA THR B 214 16.54 -12.24 5.64
C THR B 214 16.46 -10.97 4.82
N SER B 215 17.17 -9.95 5.28
CA SER B 215 17.43 -8.73 4.53
C SER B 215 18.91 -8.42 4.38
N ALA B 216 19.79 -9.01 5.22
CA ALA B 216 21.23 -8.83 5.14
C ALA B 216 21.89 -10.17 5.50
N TYR B 217 21.91 -11.09 4.54
CA TYR B 217 22.44 -12.43 4.73
C TYR B 217 22.85 -12.96 3.36
N ALA B 218 24.09 -13.40 3.25
CA ALA B 218 24.69 -13.73 1.96
C ALA B 218 24.66 -15.22 1.65
N ARG B 219 23.98 -16.03 2.45
CA ARG B 219 23.99 -17.47 2.28
C ARG B 219 22.57 -17.98 2.07
N LEU B 220 22.46 -19.21 1.60
CA LEU B 220 21.17 -19.88 1.52
C LEU B 220 20.72 -20.31 2.92
N ILE B 221 19.41 -20.37 3.10
CA ILE B 221 18.82 -20.76 4.38
C ILE B 221 18.44 -22.22 4.32
N ASP B 222 18.87 -22.98 5.32
CA ASP B 222 18.55 -24.41 5.41
C ASP B 222 17.07 -24.56 5.76
N TYR B 223 16.22 -24.41 4.73
CA TYR B 223 14.79 -24.46 4.96
C TYR B 223 14.34 -25.82 5.47
N ALA B 224 15.06 -26.88 5.11
CA ALA B 224 14.76 -28.20 5.67
C ALA B 224 15.06 -28.24 7.16
N ARG B 225 16.12 -27.55 7.60
CA ARG B 225 16.43 -27.46 9.01
C ARG B 225 15.41 -26.60 9.77
N MET B 226 14.88 -25.56 9.12
CA MET B 226 13.80 -24.80 9.73
C MET B 226 12.54 -25.65 9.88
N ARG B 227 12.20 -26.40 8.84
CA ARG B 227 11.01 -27.24 8.88
C ARG B 227 11.10 -28.31 9.96
N GLU B 228 12.33 -28.77 10.26
CA GLU B 228 12.49 -29.75 11.33
C GLU B 228 12.24 -29.12 12.69
N VAL B 229 12.85 -27.96 12.94
CA VAL B 229 12.60 -27.24 14.19
C VAL B 229 11.13 -26.86 14.31
N CYS B 230 10.50 -26.50 13.18
CA CYS B 230 9.09 -26.12 13.23
C CYS B 230 8.19 -27.33 13.44
N ASP B 231 8.48 -28.44 12.76
CA ASP B 231 7.69 -29.65 12.98
C ASP B 231 7.83 -30.19 14.39
N GLU B 232 8.90 -29.82 15.09
CA GLU B 232 9.14 -30.33 16.43
C GLU B 232 8.33 -29.56 17.48
N VAL B 233 8.42 -28.23 17.46
CA VAL B 233 7.76 -27.39 18.46
C VAL B 233 6.34 -27.09 18.01
N LYS B 234 5.86 -27.78 16.98
CA LYS B 234 4.50 -27.61 16.45
C LYS B 234 4.24 -26.15 16.06
N ALA B 235 5.16 -25.60 15.26
CA ALA B 235 5.09 -24.21 14.81
C ALA B 235 4.88 -24.15 13.31
N HIS B 236 4.46 -22.97 12.85
CA HIS B 236 4.29 -22.71 11.42
C HIS B 236 5.61 -22.20 10.84
N LEU B 237 6.00 -22.76 9.69
CA LEU B 237 7.21 -22.32 9.00
C LEU B 237 6.81 -21.35 7.90
N LEU B 238 7.05 -20.06 8.14
CA LEU B 238 6.83 -19.02 7.15
C LEU B 238 8.17 -18.64 6.53
N ALA B 239 8.20 -18.56 5.20
CA ALA B 239 9.40 -18.18 4.47
C ALA B 239 9.17 -16.81 3.84
N ASP B 240 10.01 -15.86 4.21
CA ASP B 240 9.95 -14.49 3.69
C ASP B 240 11.09 -14.34 2.69
N MET B 241 10.85 -14.75 1.45
CA MET B 241 11.84 -14.73 0.38
C MET B 241 11.92 -13.38 -0.33
N ALA B 242 11.52 -12.29 0.34
CA ALA B 242 11.38 -10.99 -0.33
C ALA B 242 12.67 -10.58 -1.03
N HIS B 243 13.82 -10.78 -0.38
CA HIS B 243 15.08 -10.39 -0.99
C HIS B 243 15.51 -11.33 -2.12
N ILE B 244 14.96 -12.54 -2.17
CA ILE B 244 15.45 -13.54 -3.11
C ILE B 244 14.33 -14.09 -3.99
N SER B 245 13.20 -13.37 -4.06
CA SER B 245 12.05 -13.88 -4.79
C SER B 245 12.39 -14.16 -6.25
N GLY B 246 13.17 -13.28 -6.89
CA GLY B 246 13.54 -13.50 -8.28
C GLY B 246 14.42 -14.73 -8.46
N LEU B 247 15.44 -14.87 -7.60
CA LEU B 247 16.33 -16.02 -7.68
C LEU B 247 15.60 -17.34 -7.45
N VAL B 248 14.54 -17.32 -6.63
CA VAL B 248 13.76 -18.54 -6.40
C VAL B 248 12.92 -18.85 -7.64
N ALA B 249 12.36 -17.83 -8.27
CA ALA B 249 11.48 -18.05 -9.40
C ALA B 249 12.25 -18.58 -10.61
N ALA B 250 13.49 -18.13 -10.79
CA ALA B 250 14.33 -18.55 -11.89
C ALA B 250 15.00 -19.90 -11.66
N LYS B 251 14.59 -20.64 -10.63
CA LYS B 251 15.16 -21.94 -10.30
C LYS B 251 16.69 -21.86 -10.19
N VAL B 252 17.15 -20.76 -9.59
CA VAL B 252 18.57 -20.46 -9.55
C VAL B 252 19.17 -20.67 -8.16
N ILE B 253 18.37 -20.55 -7.12
CA ILE B 253 18.73 -21.04 -5.79
C ILE B 253 17.63 -22.00 -5.35
N PRO B 254 17.87 -22.82 -4.33
CA PRO B 254 16.83 -23.74 -3.86
C PRO B 254 15.55 -23.01 -3.46
N SER B 255 14.41 -23.65 -3.71
CA SER B 255 13.14 -22.98 -3.44
C SER B 255 12.65 -23.31 -2.04
N PRO B 256 12.23 -22.31 -1.26
CA PRO B 256 11.67 -22.60 0.07
C PRO B 256 10.30 -23.24 0.03
N PHE B 257 9.64 -23.29 -1.14
CA PHE B 257 8.30 -23.86 -1.22
C PHE B 257 8.28 -25.36 -0.98
N LYS B 258 9.44 -26.02 -0.97
CA LYS B 258 9.50 -27.46 -0.72
C LYS B 258 9.37 -27.79 0.76
N HIS B 259 9.68 -26.84 1.65
CA HIS B 259 9.63 -27.08 3.09
C HIS B 259 8.65 -26.18 3.84
N ALA B 260 8.37 -24.98 3.32
CA ALA B 260 7.53 -24.02 4.02
C ALA B 260 6.05 -24.26 3.72
N ASP B 261 5.22 -23.92 4.71
CA ASP B 261 3.77 -23.93 4.51
C ASP B 261 3.27 -22.62 3.91
N ILE B 262 3.82 -21.50 4.38
CA ILE B 262 3.44 -20.17 3.94
C ILE B 262 4.70 -19.46 3.45
N VAL B 263 4.59 -18.77 2.32
CA VAL B 263 5.69 -17.99 1.78
C VAL B 263 5.17 -16.59 1.50
N THR B 264 5.75 -15.60 2.16
CA THR B 264 5.50 -14.21 1.84
C THR B 264 6.65 -13.67 1.01
N THR B 265 6.35 -12.65 0.20
CA THR B 265 7.40 -12.03 -0.58
C THR B 265 6.98 -10.62 -0.93
N THR B 266 7.99 -9.80 -1.20
CA THR B 266 7.77 -8.53 -1.89
C THR B 266 7.79 -8.79 -3.39
N THR B 267 7.18 -7.87 -4.14
CA THR B 267 7.14 -7.99 -5.60
C THR B 267 8.19 -7.13 -6.29
N HIS B 268 8.93 -6.31 -5.55
CA HIS B 268 10.07 -5.63 -6.12
C HIS B 268 11.34 -6.37 -5.73
N LYS B 269 12.41 -5.63 -5.47
CA LYS B 269 13.73 -6.23 -5.18
C LYS B 269 14.12 -7.11 -6.33
N THR B 270 14.25 -8.42 -6.12
CA THR B 270 14.75 -9.27 -7.21
C THR B 270 13.69 -9.59 -8.27
N LEU B 271 12.41 -9.53 -7.90
CA LEU B 271 11.35 -9.77 -8.87
C LEU B 271 11.20 -8.62 -9.86
N ARG B 272 11.79 -7.46 -9.56
CA ARG B 272 11.82 -6.33 -10.48
C ARG B 272 10.41 -5.91 -10.90
N GLY B 273 9.54 -5.75 -9.91
CA GLY B 273 8.19 -5.33 -10.19
C GLY B 273 7.84 -4.04 -9.49
N ALA B 274 6.54 -3.72 -9.47
CA ALA B 274 6.09 -2.59 -8.68
C ALA B 274 6.09 -2.94 -7.21
N ARG B 275 5.97 -1.92 -6.37
CA ARG B 275 5.91 -2.17 -4.94
C ARG B 275 4.56 -2.77 -4.59
N SER B 276 4.60 -4.00 -4.10
CA SER B 276 3.41 -4.75 -3.69
C SER B 276 3.92 -5.97 -2.93
N GLY B 277 2.99 -6.83 -2.51
CA GLY B 277 3.36 -8.03 -1.79
C GLY B 277 2.50 -9.20 -2.21
N LEU B 278 2.99 -10.40 -1.88
CA LEU B 278 2.27 -11.63 -2.13
C LEU B 278 2.32 -12.52 -0.90
N ILE B 279 1.30 -13.36 -0.74
CA ILE B 279 1.27 -14.37 0.30
C ILE B 279 0.95 -15.70 -0.36
N PHE B 280 1.93 -16.60 -0.40
CA PHE B 280 1.70 -17.96 -0.87
C PHE B 280 1.36 -18.85 0.31
N TYR B 281 0.36 -19.71 0.11
CA TYR B 281 -0.11 -20.62 1.16
C TYR B 281 -0.47 -21.95 0.51
N ARG B 282 -0.32 -23.03 1.27
CA ARG B 282 -0.70 -24.35 0.77
C ARG B 282 -2.20 -24.58 0.94
N LYS B 283 -2.81 -25.15 -0.09
CA LYS B 283 -4.19 -25.59 -0.04
C LYS B 283 -4.25 -27.09 -0.37
N GLY B 284 -5.36 -27.72 -0.02
CA GLY B 284 -5.52 -29.14 -0.27
C GLY B 284 -5.61 -29.95 1.00
N VAL B 285 -4.89 -31.07 1.05
CA VAL B 285 -4.97 -32.03 2.15
C VAL B 285 -3.63 -32.09 2.86
N LYS B 286 -3.66 -31.93 4.19
CA LYS B 286 -2.44 -32.07 4.98
C LYS B 286 -2.05 -33.53 5.12
N ALA B 287 -2.90 -34.32 5.76
CA ALA B 287 -2.64 -35.75 5.95
C ALA B 287 -3.92 -36.56 5.78
N THR B 292 -5.14 -42.61 9.28
CA THR B 292 -5.91 -42.37 10.50
C THR B 292 -7.03 -41.37 10.26
N GLY B 293 -8.24 -41.87 10.09
CA GLY B 293 -9.40 -41.02 9.88
C GLY B 293 -9.62 -40.73 8.40
N ARG B 294 -9.52 -39.45 8.03
CA ARG B 294 -9.77 -39.04 6.66
C ARG B 294 -8.75 -38.00 6.18
N GLU B 295 -9.22 -37.01 5.42
CA GLU B 295 -8.36 -36.01 4.79
C GLU B 295 -8.38 -34.74 5.63
N ILE B 296 -7.44 -34.62 6.55
CA ILE B 296 -7.25 -33.41 7.33
C ILE B 296 -6.81 -32.30 6.37
N PRO B 297 -7.63 -31.27 6.16
CA PRO B 297 -7.34 -30.29 5.11
C PRO B 297 -6.43 -29.17 5.59
N TYR B 298 -5.69 -28.62 4.62
CA TYR B 298 -4.96 -27.37 4.83
C TYR B 298 -5.98 -26.25 5.03
N THR B 299 -5.90 -25.58 6.18
CA THR B 299 -6.84 -24.51 6.53
C THR B 299 -6.22 -23.12 6.40
N PHE B 300 -5.19 -22.96 5.57
CA PHE B 300 -4.51 -21.69 5.46
C PHE B 300 -5.31 -20.68 4.64
N GLU B 301 -5.93 -21.12 3.55
CA GLU B 301 -6.43 -20.22 2.52
C GLU B 301 -7.45 -19.23 3.07
N ASP B 302 -8.53 -19.74 3.68
CA ASP B 302 -9.60 -18.86 4.14
C ASP B 302 -9.11 -17.87 5.21
N ARG B 303 -8.20 -18.32 6.08
CA ARG B 303 -7.69 -17.42 7.12
C ARG B 303 -6.80 -16.34 6.53
N ILE B 304 -5.91 -16.72 5.61
CA ILE B 304 -5.03 -15.73 4.99
C ILE B 304 -5.84 -14.70 4.22
N ASN B 305 -6.77 -15.17 3.37
CA ASN B 305 -7.58 -14.24 2.58
C ASN B 305 -8.41 -13.33 3.48
N PHE B 306 -8.94 -13.87 4.59
CA PHE B 306 -9.78 -13.05 5.45
C PHE B 306 -8.95 -11.99 6.18
N ALA B 307 -7.72 -12.34 6.55
CA ALA B 307 -6.85 -11.37 7.21
C ALA B 307 -6.52 -10.21 6.29
N VAL B 308 -6.26 -10.49 5.00
CA VAL B 308 -5.98 -9.43 4.04
C VAL B 308 -7.20 -8.55 3.87
N PHE B 309 -8.37 -9.16 3.69
CA PHE B 309 -9.62 -8.43 3.62
C PHE B 309 -10.71 -9.33 4.16
N PRO B 310 -11.57 -8.84 5.08
CA PRO B 310 -11.70 -7.44 5.48
C PRO B 310 -10.87 -7.00 6.69
N SER B 311 -10.04 -7.88 7.25
CA SER B 311 -9.43 -7.60 8.55
C SER B 311 -8.51 -6.39 8.49
N LEU B 312 -7.50 -6.42 7.62
CA LEU B 312 -6.44 -5.43 7.64
C LEU B 312 -6.58 -4.36 6.56
N GLN B 313 -6.76 -4.75 5.31
CA GLN B 313 -6.69 -3.81 4.20
C GLN B 313 -8.09 -3.42 3.75
N GLY B 314 -8.14 -2.36 2.94
CA GLY B 314 -9.37 -1.92 2.32
C GLY B 314 -9.39 -2.30 0.85
N GLY B 315 -9.61 -1.33 -0.02
CA GLY B 315 -9.66 -1.58 -1.43
C GLY B 315 -8.31 -1.95 -2.00
N PRO B 316 -8.25 -2.99 -2.82
CA PRO B 316 -6.97 -3.40 -3.40
C PRO B 316 -6.43 -2.35 -4.36
N HIS B 317 -5.11 -2.34 -4.50
CA HIS B 317 -4.44 -1.48 -5.48
C HIS B 317 -4.36 -2.25 -6.79
N ASN B 318 -5.43 -2.17 -7.59
CA ASN B 318 -5.51 -2.96 -8.81
C ASN B 318 -4.43 -2.56 -9.81
N HIS B 319 -3.99 -1.30 -9.78
CA HIS B 319 -2.90 -0.88 -10.65
C HIS B 319 -1.58 -1.52 -10.24
N ALA B 320 -1.39 -1.75 -8.94
CA ALA B 320 -0.19 -2.47 -8.50
C ALA B 320 -0.31 -3.96 -8.81
N ILE B 321 -1.50 -4.54 -8.62
CA ILE B 321 -1.72 -5.95 -8.91
C ILE B 321 -1.40 -6.23 -10.38
N ALA B 322 -1.76 -5.29 -11.26
CA ALA B 322 -1.52 -5.49 -12.69
C ALA B 322 -0.03 -5.42 -13.02
N ALA B 323 0.66 -4.41 -12.50
CA ALA B 323 2.10 -4.31 -12.70
C ALA B 323 2.83 -5.52 -12.12
N VAL B 324 2.33 -6.05 -11.01
CA VAL B 324 2.91 -7.28 -10.45
C VAL B 324 2.74 -8.43 -11.42
N ALA B 325 1.53 -8.57 -11.98
CA ALA B 325 1.28 -9.60 -12.97
C ALA B 325 2.21 -9.46 -14.16
N VAL B 326 2.41 -8.23 -14.64
CA VAL B 326 3.33 -7.99 -15.75
C VAL B 326 4.72 -8.52 -15.41
N ALA B 327 5.25 -8.10 -14.26
CA ALA B 327 6.59 -8.53 -13.85
C ALA B 327 6.64 -10.03 -13.55
N LEU B 328 5.51 -10.63 -13.20
CA LEU B 328 5.50 -12.08 -12.94
C LEU B 328 5.60 -12.85 -14.25
N LYS B 329 4.96 -12.36 -15.32
CA LYS B 329 5.13 -12.97 -16.63
C LYS B 329 6.58 -12.86 -17.08
N GLN B 330 7.20 -11.71 -16.86
CA GLN B 330 8.62 -11.53 -17.20
C GLN B 330 9.50 -12.50 -16.44
N ALA B 331 9.08 -12.93 -15.25
CA ALA B 331 9.86 -13.86 -14.45
C ALA B 331 9.66 -15.31 -14.86
N CYS B 332 8.64 -15.60 -15.67
CA CYS B 332 8.44 -16.94 -16.20
C CYS B 332 9.30 -17.23 -17.42
N THR B 333 9.85 -16.19 -18.06
CA THR B 333 10.55 -16.25 -19.33
C THR B 333 12.01 -16.63 -19.15
N PRO B 334 12.65 -17.18 -20.19
CA PRO B 334 14.07 -17.53 -20.07
C PRO B 334 14.99 -16.33 -19.86
N MET B 335 14.59 -15.13 -20.29
CA MET B 335 15.46 -13.96 -20.06
C MET B 335 15.64 -13.68 -18.58
N PHE B 336 14.65 -14.02 -17.75
CA PHE B 336 14.76 -13.76 -16.32
C PHE B 336 15.68 -14.75 -15.61
N ARG B 337 15.74 -16.00 -16.10
CA ARG B 337 16.71 -16.95 -15.54
C ARG B 337 18.14 -16.55 -15.87
N GLU B 338 18.37 -16.11 -17.11
CA GLU B 338 19.68 -15.58 -17.47
C GLU B 338 19.97 -14.29 -16.71
N TYR B 339 18.93 -13.49 -16.43
CA TYR B 339 19.12 -12.32 -15.59
C TYR B 339 19.51 -12.73 -14.17
N SER B 340 18.73 -13.62 -13.57
CA SER B 340 19.02 -14.06 -12.21
C SER B 340 20.39 -14.72 -12.11
N LEU B 341 20.74 -15.54 -13.10
CA LEU B 341 22.08 -16.11 -13.11
C LEU B 341 23.14 -15.04 -13.19
N GLN B 342 22.88 -13.94 -13.91
CA GLN B 342 23.84 -12.85 -13.96
C GLN B 342 23.94 -12.12 -12.62
N VAL B 343 22.87 -12.11 -11.84
CA VAL B 343 22.91 -11.49 -10.52
C VAL B 343 23.89 -12.23 -9.61
N LEU B 344 23.79 -13.56 -9.57
CA LEU B 344 24.70 -14.36 -8.77
C LEU B 344 26.16 -14.11 -9.16
N LYS B 345 26.48 -14.15 -10.46
CA LYS B 345 27.85 -13.99 -10.93
C LYS B 345 28.41 -12.62 -10.59
N ASN B 346 27.60 -11.58 -10.79
CA ASN B 346 28.02 -10.25 -10.36
C ASN B 346 28.21 -10.18 -8.85
N ALA B 347 27.44 -10.98 -8.11
CA ALA B 347 27.61 -11.03 -6.66
C ALA B 347 28.93 -11.70 -6.30
N ARG B 348 29.20 -12.89 -6.86
CA ARG B 348 30.48 -13.54 -6.63
C ARG B 348 31.63 -12.69 -7.15
N ALA B 349 31.42 -12.01 -8.28
CA ALA B 349 32.45 -11.12 -8.81
C ALA B 349 32.68 -9.95 -7.86
N MET B 350 31.61 -9.40 -7.29
CA MET B 350 31.77 -8.33 -6.31
C MET B 350 32.48 -8.83 -5.07
N ALA B 351 32.14 -10.04 -4.61
CA ALA B 351 32.74 -10.59 -3.40
C ALA B 351 34.23 -10.86 -3.61
N ASP B 352 34.57 -11.57 -4.69
CA ASP B 352 35.97 -11.90 -4.94
C ASP B 352 36.79 -10.65 -5.22
N ALA B 353 36.23 -9.70 -5.96
CA ALA B 353 36.95 -8.45 -6.22
C ALA B 353 37.16 -7.66 -4.94
N LEU B 354 36.23 -7.76 -3.98
CA LEU B 354 36.40 -7.08 -2.71
C LEU B 354 37.41 -7.81 -1.83
N LEU B 355 37.37 -9.14 -1.82
CA LEU B 355 38.32 -9.91 -1.02
C LEU B 355 39.76 -9.61 -1.43
N GLU B 356 40.00 -9.52 -2.74
CA GLU B 356 41.35 -9.40 -3.26
C GLU B 356 41.84 -7.96 -3.28
N ARG B 357 41.29 -7.13 -2.37
CA ARG B 357 41.73 -5.75 -2.24
C ARG B 357 41.81 -5.29 -0.80
N GLY B 358 41.66 -6.19 0.17
CA GLY B 358 41.84 -5.84 1.57
C GLY B 358 40.55 -5.76 2.37
N TYR B 359 39.55 -6.54 2.00
CA TYR B 359 38.28 -6.57 2.70
C TYR B 359 37.96 -7.98 3.17
N SER B 360 37.38 -8.08 4.36
CA SER B 360 36.79 -9.33 4.83
C SER B 360 35.28 -9.28 4.58
N LEU B 361 34.71 -10.46 4.34
CA LEU B 361 33.28 -10.60 4.09
C LEU B 361 32.71 -11.60 5.08
N VAL B 362 31.76 -11.16 5.91
CA VAL B 362 31.15 -12.05 6.87
C VAL B 362 30.43 -13.17 6.10
N SER B 363 30.39 -14.35 6.71
CA SER B 363 29.99 -15.62 6.11
C SER B 363 30.97 -16.09 5.04
N GLY B 364 32.03 -15.32 4.76
CA GLY B 364 33.02 -15.73 3.77
C GLY B 364 32.72 -15.19 2.39
N GLY B 365 31.84 -15.87 1.67
CA GLY B 365 31.49 -15.43 0.34
C GLY B 365 30.03 -15.01 0.22
N THR B 366 29.38 -15.44 -0.85
CA THR B 366 27.97 -15.17 -1.05
C THR B 366 27.39 -16.22 -1.97
N ASP B 367 26.22 -16.75 -1.61
CA ASP B 367 25.50 -17.70 -2.46
C ASP B 367 24.23 -17.09 -3.02
N ASN B 368 24.02 -15.79 -2.86
CA ASN B 368 22.84 -15.14 -3.42
C ASN B 368 23.22 -13.85 -4.17
N HIS B 369 22.47 -12.78 -3.92
CA HIS B 369 22.53 -11.57 -4.73
C HIS B 369 23.30 -10.43 -4.10
N LEU B 370 23.70 -10.55 -2.84
CA LEU B 370 24.35 -9.45 -2.13
C LEU B 370 25.62 -9.95 -1.46
N VAL B 371 26.42 -8.99 -0.98
CA VAL B 371 27.65 -9.28 -0.25
C VAL B 371 27.65 -8.46 1.03
N LEU B 372 28.04 -9.10 2.13
CA LEU B 372 28.09 -8.45 3.45
C LEU B 372 29.55 -8.15 3.75
N VAL B 373 29.98 -6.94 3.43
CA VAL B 373 31.36 -6.55 3.65
C VAL B 373 31.56 -6.11 5.09
N ASP B 374 32.75 -6.37 5.61
CA ASP B 374 33.13 -5.97 6.96
C ASP B 374 34.26 -4.95 6.81
N LEU B 375 33.96 -3.69 7.09
CA LEU B 375 34.98 -2.64 7.03
C LEU B 375 35.75 -2.50 8.33
N ARG B 376 35.38 -3.25 9.36
CA ARG B 376 36.15 -3.29 10.59
C ARG B 376 37.62 -3.65 10.37
N PRO B 377 37.98 -4.65 9.54
CA PRO B 377 39.40 -4.90 9.28
C PRO B 377 40.07 -3.94 8.31
N LYS B 378 39.46 -2.80 7.98
CA LYS B 378 40.15 -1.78 7.19
C LYS B 378 40.14 -0.42 7.86
N GLY B 379 39.61 -0.30 9.09
CA GLY B 379 39.70 0.94 9.84
C GLY B 379 38.60 1.94 9.61
N LEU B 380 37.62 1.63 8.75
CA LEU B 380 36.47 2.48 8.53
C LEU B 380 35.21 1.74 8.93
N ASP B 381 34.15 2.50 9.21
CA ASP B 381 32.86 1.94 9.59
C ASP B 381 31.85 2.15 8.47
N GLY B 382 30.70 1.47 8.60
CA GLY B 382 29.69 1.54 7.57
C GLY B 382 29.07 2.92 7.40
N ALA B 383 28.91 3.65 8.51
CA ALA B 383 28.32 4.97 8.44
C ALA B 383 29.19 5.94 7.64
N ARG B 384 30.49 5.91 7.89
CA ARG B 384 31.42 6.80 7.19
C ARG B 384 31.53 6.42 5.71
N ALA B 385 31.48 5.13 5.42
CA ALA B 385 31.68 4.68 4.04
C ALA B 385 30.48 5.00 3.16
N GLU B 386 29.26 4.82 3.68
CA GLU B 386 28.10 5.08 2.83
C GLU B 386 27.89 6.57 2.63
N ARG B 387 28.33 7.40 3.58
CA ARG B 387 28.24 8.85 3.37
C ARG B 387 29.23 9.33 2.32
N VAL B 388 30.45 8.76 2.32
CA VAL B 388 31.42 9.15 1.29
C VAL B 388 31.05 8.53 -0.05
N LEU B 389 30.44 7.35 -0.06
CA LEU B 389 30.03 6.73 -1.32
C LEU B 389 28.80 7.42 -1.87
N GLU B 390 27.85 7.78 -1.00
CA GLU B 390 26.67 8.52 -1.45
C GLU B 390 27.05 9.84 -2.08
N LEU B 391 28.13 10.47 -1.60
CA LEU B 391 28.57 11.74 -2.16
C LEU B 391 29.23 11.58 -3.51
N VAL B 392 29.45 10.35 -3.99
CA VAL B 392 29.94 10.12 -5.34
C VAL B 392 28.96 9.20 -6.07
N SER B 393 27.66 9.44 -5.86
CA SER B 393 26.59 8.77 -6.61
C SER B 393 26.65 7.25 -6.51
N ILE B 394 27.11 6.73 -5.37
CA ILE B 394 27.18 5.30 -5.12
C ILE B 394 26.38 5.03 -3.84
N THR B 395 25.20 4.44 -3.99
CA THR B 395 24.27 4.26 -2.89
C THR B 395 24.40 2.86 -2.32
N ALA B 396 24.73 2.77 -1.04
CA ALA B 396 24.70 1.52 -0.30
C ALA B 396 24.03 1.80 1.04
N ASN B 397 24.17 0.88 1.99
CA ASN B 397 23.58 1.06 3.30
C ASN B 397 24.46 0.43 4.37
N LYS B 398 24.47 1.05 5.55
CA LYS B 398 25.10 0.45 6.70
C LYS B 398 24.48 -0.92 6.97
N ASN B 399 25.28 -1.80 7.58
CA ASN B 399 24.74 -3.03 8.12
C ASN B 399 25.57 -3.43 9.32
N THR B 400 24.92 -3.58 10.47
CA THR B 400 25.57 -4.12 11.65
C THR B 400 26.20 -5.47 11.32
N CYS B 401 27.51 -5.57 11.43
CA CYS B 401 28.21 -6.82 11.19
C CYS B 401 28.32 -7.61 12.48
N PRO B 402 28.57 -8.92 12.40
CA PRO B 402 28.80 -9.69 13.63
C PRO B 402 30.08 -9.26 14.33
N GLY B 403 30.01 -8.23 15.16
CA GLY B 403 31.18 -7.81 15.89
C GLY B 403 31.20 -6.37 16.37
N ASP B 404 30.23 -5.56 15.97
CA ASP B 404 30.17 -4.16 16.38
C ASP B 404 28.97 -3.96 17.30
N ARG B 405 29.24 -3.94 18.61
CA ARG B 405 28.20 -3.54 19.56
C ARG B 405 27.79 -2.09 19.33
N SER B 406 28.73 -1.25 18.90
CA SER B 406 28.42 0.12 18.52
C SER B 406 27.67 0.10 17.19
N ALA B 407 26.36 0.34 17.25
CA ALA B 407 25.50 0.31 16.07
C ALA B 407 25.23 1.69 15.49
N ILE B 408 25.79 2.75 16.06
CA ILE B 408 25.79 4.04 15.40
C ILE B 408 26.93 4.11 14.40
N THR B 409 28.03 3.41 14.67
CA THR B 409 29.13 3.19 13.75
C THR B 409 29.15 1.71 13.35
N PRO B 410 28.22 1.28 12.49
CA PRO B 410 28.12 -0.16 12.19
C PRO B 410 29.35 -0.68 11.48
N GLY B 411 29.48 -2.01 11.50
CA GLY B 411 30.63 -2.69 10.95
C GLY B 411 30.99 -2.38 9.51
N GLY B 412 30.12 -2.78 8.60
CA GLY B 412 30.40 -2.71 7.19
C GLY B 412 29.21 -2.20 6.41
N LEU B 413 29.18 -2.56 5.14
CA LEU B 413 28.15 -2.17 4.19
C LEU B 413 27.46 -3.40 3.64
N ARG B 414 26.25 -3.19 3.14
CA ARG B 414 25.52 -4.19 2.37
C ARG B 414 25.46 -3.71 0.94
N LEU B 415 25.97 -4.53 0.02
CA LEU B 415 26.01 -4.18 -1.40
C LEU B 415 25.29 -5.25 -2.19
N GLY B 416 24.43 -4.82 -3.11
CA GLY B 416 23.63 -5.75 -3.89
C GLY B 416 23.89 -5.68 -5.38
N ALA B 417 23.64 -6.78 -6.07
CA ALA B 417 23.79 -6.87 -7.51
C ALA B 417 22.52 -6.56 -8.31
N PRO B 418 21.32 -7.02 -7.90
CA PRO B 418 20.17 -7.00 -8.83
C PRO B 418 19.89 -5.66 -9.50
N ALA B 419 20.22 -4.54 -8.84
CA ALA B 419 19.93 -3.24 -9.43
C ALA B 419 20.76 -3.00 -10.70
N LEU B 420 22.09 -2.99 -10.54
CA LEU B 420 22.94 -2.68 -11.70
C LEU B 420 22.91 -3.80 -12.73
N THR B 421 22.66 -5.04 -12.31
CA THR B 421 22.56 -6.14 -13.26
C THR B 421 21.44 -5.90 -14.27
N SER B 422 20.36 -5.23 -13.86
CA SER B 422 19.28 -4.90 -14.78
C SER B 422 19.68 -3.82 -15.78
N ARG B 423 20.79 -3.13 -15.57
CA ARG B 423 21.35 -2.21 -16.55
C ARG B 423 22.37 -2.90 -17.47
N GLN B 424 22.27 -4.22 -17.63
CA GLN B 424 23.16 -5.02 -18.46
C GLN B 424 24.60 -5.02 -17.93
N PHE B 425 24.75 -4.95 -16.60
CA PHE B 425 26.07 -5.06 -16.00
C PHE B 425 26.55 -6.50 -16.02
N ARG B 426 27.85 -6.68 -16.23
CA ARG B 426 28.49 -7.99 -16.18
C ARG B 426 29.64 -7.93 -15.18
N GLU B 427 30.38 -9.04 -15.06
CA GLU B 427 31.37 -9.16 -14.00
C GLU B 427 32.42 -8.07 -14.08
N ASP B 428 32.93 -7.78 -15.27
CA ASP B 428 33.94 -6.75 -15.41
C ASP B 428 33.43 -5.38 -14.99
N ASP B 429 32.14 -5.12 -15.20
CA ASP B 429 31.58 -3.85 -14.78
C ASP B 429 31.48 -3.76 -13.26
N PHE B 430 31.36 -4.90 -12.58
CA PHE B 430 31.25 -4.89 -11.12
C PHE B 430 32.62 -4.79 -10.47
N ARG B 431 33.64 -5.45 -11.06
CA ARG B 431 35.01 -5.25 -10.59
C ARG B 431 35.44 -3.80 -10.73
N ARG B 432 34.86 -3.09 -11.71
CA ARG B 432 35.09 -1.65 -11.82
C ARG B 432 34.37 -0.89 -10.71
N VAL B 433 33.19 -1.36 -10.32
CA VAL B 433 32.46 -0.74 -9.21
C VAL B 433 33.26 -0.90 -7.91
N VAL B 434 33.80 -2.09 -7.69
CA VAL B 434 34.64 -2.33 -6.51
C VAL B 434 35.81 -1.36 -6.49
N ASP B 435 36.36 -1.04 -7.67
CA ASP B 435 37.45 -0.07 -7.73
C ASP B 435 36.97 1.32 -7.36
N PHE B 436 35.78 1.70 -7.80
CA PHE B 436 35.20 2.97 -7.39
C PHE B 436 34.92 2.99 -5.90
N ILE B 437 34.56 1.84 -5.33
CA ILE B 437 34.28 1.77 -3.90
C ILE B 437 35.57 1.90 -3.10
N ASP B 438 36.58 1.08 -3.44
CA ASP B 438 37.85 1.13 -2.71
C ASP B 438 38.50 2.49 -2.81
N GLU B 439 38.33 3.18 -3.94
CA GLU B 439 38.81 4.56 -4.03
C GLU B 439 38.03 5.49 -3.11
N GLY B 440 36.79 5.15 -2.79
CA GLY B 440 35.98 5.97 -1.90
C GLY B 440 36.29 5.77 -0.43
N VAL B 441 36.47 4.51 -0.02
CA VAL B 441 36.79 4.23 1.38
C VAL B 441 38.16 4.78 1.74
N ASN B 442 39.06 4.91 0.76
CA ASN B 442 40.39 5.43 1.04
C ASN B 442 40.39 6.95 1.13
N ILE B 443 39.47 7.62 0.44
CA ILE B 443 39.21 9.02 0.77
C ILE B 443 38.55 9.12 2.13
N GLY B 444 37.85 8.06 2.54
CA GLY B 444 37.26 7.99 3.86
C GLY B 444 38.26 7.63 4.94
N LEU B 445 39.27 6.82 4.61
CA LEU B 445 40.28 6.51 5.62
C LEU B 445 41.18 7.72 5.87
N GLU B 446 41.43 8.52 4.83
CA GLU B 446 42.21 9.73 5.02
C GLU B 446 41.38 10.80 5.71
N VAL B 447 40.11 10.94 5.33
CA VAL B 447 39.29 11.94 6.01
C VAL B 447 39.09 11.56 7.48
N LYS B 448 39.14 10.27 7.83
CA LYS B 448 38.92 9.89 9.23
C LYS B 448 40.18 10.11 10.07
N SER B 449 41.36 9.95 9.47
CA SER B 449 42.61 10.20 10.18
C SER B 449 42.76 11.66 10.59
N LYS B 450 42.00 12.58 10.01
CA LYS B 450 42.07 13.99 10.34
C LYS B 450 40.91 14.44 11.23
N THR B 451 40.04 13.53 11.66
CA THR B 451 39.01 13.93 12.60
C THR B 451 38.66 12.76 13.51
N ALA B 452 37.69 12.99 14.39
CA ALA B 452 37.31 12.00 15.39
C ALA B 452 35.85 11.59 15.24
N LYS B 453 34.90 12.44 15.62
CA LYS B 453 33.50 12.05 15.66
C LYS B 453 32.88 12.09 14.27
N LEU B 454 31.73 11.40 14.14
CA LEU B 454 31.15 11.18 12.83
C LEU B 454 30.65 12.47 12.19
N GLN B 455 30.07 13.38 12.97
CA GLN B 455 29.63 14.63 12.35
C GLN B 455 30.82 15.48 11.92
N ASP B 456 31.92 15.46 12.69
CA ASP B 456 33.12 16.11 12.20
C ASP B 456 33.61 15.46 10.91
N PHE B 457 33.50 14.14 10.84
CA PHE B 457 33.68 13.42 9.58
C PHE B 457 32.82 14.04 8.48
N LYS B 458 31.49 14.00 8.65
CA LYS B 458 30.58 14.42 7.59
C LYS B 458 30.84 15.86 7.16
N SER B 459 30.94 16.78 8.13
CA SER B 459 31.19 18.18 7.78
C SER B 459 32.50 18.34 7.03
N PHE B 460 33.45 17.44 7.25
CA PHE B 460 34.72 17.47 6.52
C PHE B 460 34.50 17.27 5.03
N LEU B 461 33.64 16.31 4.66
CA LEU B 461 33.48 15.96 3.25
C LEU B 461 32.87 17.08 2.42
N LEU B 462 32.45 18.20 3.02
CA LEU B 462 31.76 19.24 2.29
C LEU B 462 32.53 20.54 2.14
N LYS B 463 33.34 20.93 3.14
CA LYS B 463 34.01 22.23 3.09
C LYS B 463 35.46 22.14 2.60
N ASP B 464 36.31 21.30 3.22
CA ASP B 464 37.73 21.21 2.86
C ASP B 464 37.84 21.08 1.34
N SER B 465 38.44 22.09 0.71
CA SER B 465 38.51 22.11 -0.75
C SER B 465 39.28 20.93 -1.31
N GLU B 466 40.29 20.42 -0.59
CA GLU B 466 41.07 19.32 -1.13
C GLU B 466 40.29 18.00 -1.10
N THR B 467 39.44 17.81 -0.10
CA THR B 467 38.62 16.61 -0.06
C THR B 467 37.35 16.77 -0.89
N SER B 468 36.78 17.97 -0.95
CA SER B 468 35.61 18.20 -1.79
C SER B 468 35.97 18.10 -3.27
N GLN B 469 37.18 18.50 -3.65
CA GLN B 469 37.63 18.33 -5.03
C GLN B 469 37.83 16.85 -5.35
N ARG B 470 38.58 16.15 -4.51
CA ARG B 470 38.83 14.73 -4.74
C ARG B 470 37.55 13.91 -4.71
N LEU B 471 36.50 14.40 -4.05
CA LEU B 471 35.20 13.75 -4.12
C LEU B 471 34.48 14.09 -5.41
N ALA B 472 34.51 15.37 -5.82
CA ALA B 472 33.86 15.78 -7.05
C ALA B 472 34.51 15.20 -8.29
N ASN B 473 35.76 14.73 -8.18
CA ASN B 473 36.41 14.09 -9.31
C ASN B 473 35.99 12.64 -9.44
N LEU B 474 36.06 11.88 -8.34
CA LEU B 474 35.56 10.51 -8.33
C LEU B 474 34.09 10.47 -8.72
N ARG B 475 33.31 11.44 -8.25
CA ARG B 475 31.89 11.50 -8.59
C ARG B 475 31.70 11.68 -10.09
N GLN B 476 32.48 12.56 -10.72
CA GLN B 476 32.35 12.79 -12.15
C GLN B 476 32.67 11.53 -12.94
N ARG B 477 33.58 10.69 -12.44
CA ARG B 477 33.94 9.48 -13.16
C ARG B 477 32.92 8.36 -12.98
N VAL B 478 32.22 8.32 -11.84
CA VAL B 478 31.20 7.30 -11.68
C VAL B 478 29.95 7.65 -12.47
N GLU B 479 29.62 8.95 -12.57
CA GLU B 479 28.45 9.34 -13.34
C GLU B 479 28.67 9.09 -14.83
N GLN B 480 29.88 9.40 -15.32
CA GLN B 480 30.22 9.10 -16.70
C GLN B 480 30.17 7.59 -16.97
N PHE B 481 30.54 6.77 -15.98
CA PHE B 481 30.58 5.33 -16.18
C PHE B 481 29.19 4.72 -16.14
N ALA B 482 28.31 5.20 -15.26
CA ALA B 482 26.99 4.61 -15.15
C ALA B 482 26.06 5.08 -16.28
N ARG B 483 26.18 6.34 -16.70
CA ARG B 483 25.27 6.88 -17.70
C ARG B 483 25.34 6.10 -19.01
N ALA B 484 26.50 5.49 -19.31
CA ALA B 484 26.65 4.75 -20.56
C ALA B 484 25.78 3.50 -20.61
N PHE B 485 25.38 2.97 -19.46
CA PHE B 485 24.56 1.77 -19.43
C PHE B 485 23.09 2.09 -19.63
N PRO B 486 22.31 1.13 -20.14
CA PRO B 486 20.87 1.36 -20.33
C PRO B 486 20.12 1.43 -19.01
N MET B 487 18.84 1.73 -19.07
CA MET B 487 18.04 1.90 -17.87
C MET B 487 16.60 1.49 -18.15
N PRO B 488 16.07 0.48 -17.46
CA PRO B 488 14.67 0.08 -17.68
C PRO B 488 13.72 1.21 -17.32
N GLY B 489 12.51 1.11 -17.87
CA GLY B 489 11.48 2.10 -17.64
C GLY B 489 11.37 3.12 -18.76
N PHE B 490 10.76 4.25 -18.43
CA PHE B 490 10.66 5.34 -19.38
C PHE B 490 12.01 6.04 -19.54
N ASP B 491 12.06 6.97 -20.48
CA ASP B 491 13.30 7.71 -20.73
C ASP B 491 13.41 8.96 -19.88
N GLU B 492 12.29 9.62 -19.57
CA GLU B 492 12.32 10.94 -18.95
C GLU B 492 11.68 10.99 -17.57
N HIS B 493 11.04 9.92 -17.11
CA HIS B 493 10.44 9.90 -15.77
C HIS B 493 10.31 8.48 -15.24
#